data_3ZGX
#
_entry.id   3ZGX
#
_cell.length_a   107.435
_cell.length_b   107.435
_cell.length_c   102.821
_cell.angle_alpha   90.00
_cell.angle_beta   90.00
_cell.angle_gamma   90.00
#
_symmetry.space_group_name_H-M   'P 43'
#
loop_
_entity.id
_entity.type
_entity.pdbx_description
1 polymer 'CHROMOSOME PARTITION PROTEIN SMC'
2 polymer 'SEGREGATION AND CONDENSATION PROTEIN A'
#
loop_
_entity_poly.entity_id
_entity_poly.type
_entity_poly.pdbx_seq_one_letter_code
_entity_poly.pdbx_strand_id
1 'polypeptide(L)'
;MFLKRLDVIGFKSFAERISVDFVKGVTAVVGPNGSGKSNITDAIRWVLGEQSARSLRGGKMEDIIFAGSDSRKRLNLAEV
TLTLDNDDHFLPIDFHEVSVTRRVYRSGESEFLINNQPCRLKDIIDLFMDSGLGKEAFSIISQGKVEEILSSKAEDRRSI
FEEAAGVLKYKTRKKKAENKLFETQDNLNRVEDILHELEGQVEPLKIQASIAKDYLEKKGPGLGTVNLGSIDEFERVNER
YKFLSEQKEDLTEAKNTLFQVIEEMDEEMTKRFNDTFVQIRSHFDQVFRSLFGGGRAELRLTDPNDLLHSGVEIIAQPPG
KKLQNLNLLSGGERALTAIALLFSILKVRPVPFCVLDEVEAALDEANVFRFAQYLKKYSSDTQFIVITHRKGTMEEADVL
YGVTMQESGVSKVISVKLEETKEFVQ
;
A,B
2 'polypeptide(L)'
;MEEYQVKIDTFEGPLDLLLHLINRLEIDIYDIPVAKITEQYLLYVHTMRVLELDIASEYLVMAATLLSIKSRMLLPKQEE
ELFEDETSHHHHHH
;
C,Z
#
# COMPACT_ATOMS: atom_id res chain seq x y z
N MET A 1 10.98 -4.46 -12.21
CA MET A 1 11.52 -5.77 -12.57
C MET A 1 13.05 -5.73 -12.58
N PHE A 2 13.67 -6.19 -13.67
CA PHE A 2 15.12 -6.34 -13.69
C PHE A 2 15.82 -5.01 -13.94
N LEU A 3 16.62 -4.58 -12.97
CA LEU A 3 17.23 -3.27 -12.99
C LEU A 3 18.15 -3.07 -14.18
N LYS A 4 17.96 -1.98 -14.93
CA LYS A 4 18.84 -1.67 -16.05
C LYS A 4 20.13 -0.97 -15.65
N ARG A 5 20.06 -0.03 -14.71
CA ARG A 5 21.19 0.87 -14.54
C ARG A 5 21.02 1.78 -13.35
N LEU A 6 22.14 2.33 -12.90
CA LEU A 6 22.17 3.24 -11.79
C LEU A 6 23.01 4.43 -12.17
N ASP A 7 22.43 5.63 -12.14
CA ASP A 7 23.20 6.82 -12.43
C ASP A 7 23.58 7.48 -11.11
N VAL A 8 24.85 7.87 -10.98
CA VAL A 8 25.35 8.33 -9.70
C VAL A 8 26.13 9.62 -9.76
N ILE A 9 25.59 10.66 -9.13
CA ILE A 9 26.26 11.96 -9.04
C ILE A 9 26.11 12.66 -7.68
N GLY A 10 27.26 12.98 -7.08
CA GLY A 10 27.30 13.86 -5.92
C GLY A 10 26.82 13.28 -4.61
N PHE A 11 26.78 11.96 -4.53
CA PHE A 11 26.08 11.28 -3.45
C PHE A 11 26.85 11.14 -2.12
N LYS A 12 27.81 10.24 -2.04
CA LYS A 12 28.58 10.17 -0.83
C LYS A 12 30.05 10.32 -1.16
N SER A 13 30.65 9.30 -1.76
CA SER A 13 32.03 9.37 -2.23
C SER A 13 32.11 9.72 -3.71
N PHE A 14 30.95 10.03 -4.30
CA PHE A 14 30.86 10.05 -5.76
C PHE A 14 30.89 11.44 -6.35
N ALA A 15 32.01 11.73 -6.99
CA ALA A 15 32.27 13.05 -7.54
C ALA A 15 31.60 13.15 -8.89
N GLU A 16 32.21 12.50 -9.88
CA GLU A 16 31.68 12.46 -11.23
C GLU A 16 30.47 11.56 -11.31
N ARG A 17 29.71 11.70 -12.39
CA ARG A 17 28.76 10.69 -12.75
C ARG A 17 29.56 9.42 -12.81
N ILE A 18 29.13 8.39 -12.10
CA ILE A 18 29.56 7.04 -12.47
C ILE A 18 28.34 6.16 -12.65
N SER A 19 28.11 5.80 -13.90
CA SER A 19 26.91 5.09 -14.26
C SER A 19 27.25 3.61 -14.32
N VAL A 20 26.29 2.81 -13.86
CA VAL A 20 26.46 1.39 -13.67
C VAL A 20 25.38 0.63 -14.42
N ASP A 21 25.78 -0.30 -15.27
CA ASP A 21 24.83 -0.89 -16.22
C ASP A 21 24.17 -2.26 -15.96
N PHE A 22 24.45 -2.90 -14.83
CA PHE A 22 23.48 -3.83 -14.22
C PHE A 22 22.78 -4.91 -15.03
N VAL A 23 23.51 -5.98 -15.33
CA VAL A 23 22.91 -7.09 -16.05
C VAL A 23 21.74 -7.75 -15.29
N LYS A 24 20.90 -8.46 -16.05
CA LYS A 24 19.85 -9.32 -15.51
C LYS A 24 20.45 -10.59 -14.89
N GLY A 25 19.94 -10.98 -13.72
CA GLY A 25 20.60 -11.97 -12.88
C GLY A 25 21.83 -11.45 -12.14
N VAL A 26 22.96 -12.14 -12.28
CA VAL A 26 24.15 -11.90 -11.47
C VAL A 26 25.01 -10.71 -11.93
N THR A 27 25.55 -9.98 -10.95
CA THR A 27 26.34 -8.76 -11.18
C THR A 27 27.29 -8.55 -10.00
N ALA A 28 28.36 -7.77 -10.18
CA ALA A 28 29.40 -7.71 -9.14
C ALA A 28 30.04 -6.33 -8.89
N VAL A 29 30.65 -6.18 -7.70
CA VAL A 29 31.34 -4.92 -7.29
C VAL A 29 32.65 -5.15 -6.48
N VAL A 30 33.79 -4.61 -6.94
CA VAL A 30 35.04 -4.85 -6.22
C VAL A 30 35.62 -3.63 -5.55
N GLY A 31 36.09 -3.83 -4.31
CA GLY A 31 36.84 -2.82 -3.61
C GLY A 31 37.28 -3.22 -2.22
N PRO A 32 38.25 -2.47 -1.67
CA PRO A 32 38.70 -2.52 -0.28
C PRO A 32 38.09 -1.40 0.55
N GLY A 36 36.41 1.72 -1.35
CA GLY A 36 35.24 2.50 -0.97
C GLY A 36 33.95 2.02 -1.63
N LYS A 37 34.02 0.85 -2.27
CA LYS A 37 32.93 0.29 -3.08
C LYS A 37 31.59 0.14 -2.35
N SER A 38 31.67 0.08 -1.03
CA SER A 38 30.55 -0.30 -0.17
C SER A 38 29.31 0.55 -0.39
N ASN A 39 29.50 1.70 -1.00
CA ASN A 39 28.46 2.72 -1.05
C ASN A 39 27.43 2.57 -2.16
N ILE A 40 27.60 1.57 -3.02
CA ILE A 40 26.66 1.44 -4.11
C ILE A 40 25.35 0.86 -3.63
N THR A 41 25.39 -0.11 -2.72
CA THR A 41 24.15 -0.64 -2.14
C THR A 41 23.33 0.51 -1.54
N ASP A 42 24.02 1.31 -0.72
CA ASP A 42 23.45 2.50 -0.07
C ASP A 42 22.69 3.39 -1.03
N ALA A 43 23.26 3.57 -2.22
CA ALA A 43 22.60 4.33 -3.26
C ALA A 43 21.20 3.80 -3.50
N ILE A 44 21.12 2.57 -3.99
CA ILE A 44 19.83 1.95 -4.28
C ILE A 44 18.99 1.90 -3.02
N ARG A 45 19.62 1.45 -1.94
CA ARG A 45 18.98 1.41 -0.63
C ARG A 45 18.29 2.73 -0.37
N TRP A 46 19.03 3.82 -0.60
CA TRP A 46 18.50 5.17 -0.38
C TRP A 46 17.47 5.62 -1.42
N VAL A 47 17.75 5.39 -2.70
CA VAL A 47 16.82 5.78 -3.75
C VAL A 47 15.50 5.05 -3.56
N LEU A 48 15.59 3.82 -3.10
CA LEU A 48 14.41 3.00 -2.84
C LEU A 48 13.61 3.55 -1.66
N GLY A 49 14.32 4.08 -0.67
CA GLY A 49 13.69 4.70 0.49
C GLY A 49 13.77 3.92 1.78
N GLU A 50 14.47 2.80 1.75
CA GLU A 50 14.72 2.01 2.96
C GLU A 50 15.90 2.53 3.79
N GLN A 51 15.91 2.20 5.08
CA GLN A 51 16.63 2.94 6.13
C GLN A 51 18.14 3.30 6.03
N SER A 52 18.97 2.42 5.48
CA SER A 52 20.43 2.63 5.44
C SER A 52 21.06 2.76 6.84
N LEU A 77 38.28 16.30 0.03
CA LEU A 77 39.42 17.04 0.57
C LEU A 77 40.15 17.77 -0.55
N ALA A 78 40.22 17.11 -1.70
CA ALA A 78 40.91 17.62 -2.88
C ALA A 78 39.93 18.24 -3.89
N GLU A 79 38.66 18.32 -3.50
CA GLU A 79 37.61 18.85 -4.36
C GLU A 79 36.51 19.58 -3.56
N VAL A 80 35.84 20.53 -4.25
CA VAL A 80 34.82 21.41 -3.64
C VAL A 80 33.60 20.67 -3.14
N THR A 81 33.14 21.03 -1.94
CA THR A 81 31.99 20.38 -1.33
C THR A 81 30.74 20.59 -2.16
N LEU A 82 29.78 19.71 -1.99
CA LEU A 82 28.61 19.69 -2.84
C LEU A 82 27.31 19.70 -2.05
N THR A 83 26.38 20.48 -2.59
CA THR A 83 25.06 20.70 -2.00
C THR A 83 23.85 19.93 -2.61
N LEU A 84 24.09 19.02 -3.56
CA LEU A 84 23.03 18.13 -4.04
C LEU A 84 23.48 16.67 -4.12
N ASP A 85 22.54 15.73 -4.16
CA ASP A 85 22.86 14.33 -4.48
C ASP A 85 21.78 13.69 -5.35
N ASN A 86 22.16 13.17 -6.52
CA ASN A 86 21.15 12.70 -7.49
C ASN A 86 21.39 11.28 -7.95
N ASP A 87 20.48 10.36 -7.63
CA ASP A 87 20.65 8.96 -8.06
C ASP A 87 19.47 8.36 -8.82
N ASP A 88 19.76 7.65 -9.90
CA ASP A 88 18.76 7.30 -10.91
C ASP A 88 18.67 5.80 -11.15
N HIS A 89 17.44 5.29 -11.16
CA HIS A 89 17.19 3.88 -11.35
C HIS A 89 16.58 3.58 -12.70
N PHE A 90 17.34 2.93 -13.58
CA PHE A 90 16.84 2.70 -14.94
C PHE A 90 15.71 1.68 -14.98
N LEU A 91 15.96 0.48 -14.46
CA LEU A 91 14.89 -0.38 -13.95
C LEU A 91 13.64 -0.61 -14.84
N PRO A 92 13.72 -1.45 -15.88
CA PRO A 92 12.57 -1.79 -16.77
C PRO A 92 11.41 -2.66 -16.19
N ILE A 93 10.15 -2.27 -16.48
CA ILE A 93 8.94 -2.92 -15.93
C ILE A 93 7.96 -3.50 -16.96
N ASP A 94 7.86 -4.82 -17.01
CA ASP A 94 6.93 -5.56 -17.87
C ASP A 94 6.88 -5.05 -19.32
N HIS A 96 8.26 -0.94 -21.19
CA HIS A 96 8.75 0.39 -20.85
C HIS A 96 10.08 0.31 -20.07
N GLU A 97 10.82 1.42 -20.04
CA GLU A 97 11.98 1.60 -19.14
C GLU A 97 11.68 2.72 -18.14
N VAL A 98 11.56 2.36 -16.85
CA VAL A 98 11.08 3.31 -15.83
C VAL A 98 12.16 3.88 -14.90
N SER A 99 12.37 5.19 -15.01
CA SER A 99 13.42 5.87 -14.28
C SER A 99 12.96 6.28 -12.90
N VAL A 100 13.64 5.78 -11.88
CA VAL A 100 13.41 6.24 -10.52
C VAL A 100 14.64 6.96 -10.01
N THR A 101 14.47 8.23 -9.71
CA THR A 101 15.58 9.13 -9.47
C THR A 101 15.30 9.97 -8.21
N ARG A 102 16.31 10.17 -7.36
CA ARG A 102 16.12 10.93 -6.10
C ARG A 102 17.21 11.98 -5.80
N ARG A 103 16.79 13.17 -5.39
CA ARG A 103 17.70 14.29 -5.11
C ARG A 103 17.51 14.82 -3.68
N VAL A 104 18.55 15.44 -3.13
CA VAL A 104 18.50 16.17 -1.85
C VAL A 104 19.50 17.36 -1.86
N TYR A 105 19.15 18.48 -1.21
CA TYR A 105 20.09 19.58 -1.01
C TYR A 105 20.25 20.01 0.44
N ARG A 106 21.14 20.97 0.64
CA ARG A 106 20.95 21.99 1.67
C ARG A 106 20.36 23.16 0.85
N SER A 107 19.24 23.77 1.25
CA SER A 107 18.61 23.72 2.58
C SER A 107 18.31 22.42 3.34
N GLY A 108 17.73 21.42 2.70
CA GLY A 108 17.39 21.48 1.31
C GLY A 108 16.19 20.68 0.95
N GLU A 109 15.66 21.09 -0.18
CA GLU A 109 14.54 20.45 -0.80
C GLU A 109 14.98 19.06 -1.24
N SER A 110 14.01 18.19 -1.50
CA SER A 110 14.25 16.91 -2.15
C SER A 110 13.13 16.69 -3.17
N GLU A 111 13.47 16.11 -4.32
CA GLU A 111 12.50 15.99 -5.39
C GLU A 111 12.30 14.51 -5.70
N PHE A 112 11.22 14.16 -6.40
CA PHE A 112 11.06 12.79 -6.83
C PHE A 112 10.57 12.69 -8.24
N LEU A 113 11.28 11.94 -9.07
CA LEU A 113 10.96 11.93 -10.50
C LEU A 113 10.86 10.54 -11.12
N ILE A 114 9.69 10.22 -11.62
CA ILE A 114 9.51 9.06 -12.45
C ILE A 114 9.71 9.50 -13.88
N ASN A 115 10.64 8.83 -14.58
CA ASN A 115 10.98 9.20 -15.95
C ASN A 115 11.23 10.70 -16.08
N ASN A 116 11.93 11.22 -15.09
CA ASN A 116 12.24 12.64 -14.98
C ASN A 116 11.05 13.59 -15.05
N GLN A 117 9.97 13.24 -14.36
CA GLN A 117 8.96 14.24 -14.03
C GLN A 117 8.69 14.10 -12.54
N PRO A 118 8.59 15.25 -11.84
CA PRO A 118 8.53 15.30 -10.37
C PRO A 118 7.28 14.70 -9.72
N CYS A 119 7.48 13.89 -8.68
CA CYS A 119 6.41 13.08 -8.13
C CYS A 119 6.43 12.95 -6.61
N ARG A 120 5.32 12.41 -6.09
CA ARG A 120 5.14 12.21 -4.67
C ARG A 120 5.74 10.85 -4.27
N LEU A 121 5.74 10.57 -2.98
CA LEU A 121 6.28 9.30 -2.46
C LEU A 121 5.36 8.07 -2.35
N LYS A 122 4.09 8.29 -2.00
CA LYS A 122 3.08 7.22 -2.00
C LYS A 122 3.07 6.67 -3.42
N ASP A 123 3.25 7.62 -4.35
CA ASP A 123 3.42 7.39 -5.77
C ASP A 123 4.60 6.46 -6.06
N ILE A 124 5.56 6.37 -5.14
CA ILE A 124 6.68 5.46 -5.36
C ILE A 124 6.21 4.02 -5.35
N ILE A 125 5.38 3.63 -4.38
CA ILE A 125 5.00 2.24 -4.32
C ILE A 125 4.30 1.77 -5.58
N ASP A 126 3.00 2.02 -5.69
CA ASP A 126 2.26 1.57 -6.88
C ASP A 126 2.64 0.16 -7.36
N LEU A 127 3.26 0.09 -8.56
CA LEU A 127 3.68 -1.19 -9.16
C LEU A 127 4.55 -2.00 -8.18
N PHE A 128 5.09 -1.32 -7.16
CA PHE A 128 5.75 -2.00 -6.03
C PHE A 128 4.83 -2.94 -5.25
N MET A 129 3.65 -2.45 -4.86
CA MET A 129 2.66 -3.35 -4.30
C MET A 129 1.57 -3.85 -5.27
N ASP A 130 1.55 -3.29 -6.48
CA ASP A 130 0.64 -3.74 -7.54
C ASP A 130 1.38 -4.08 -8.82
N GLU A 136 8.45 -9.15 0.34
CA GLU A 136 7.75 -8.00 -0.24
C GLU A 136 8.14 -7.72 -1.69
N ALA A 137 9.20 -6.94 -1.85
CA ALA A 137 9.54 -6.37 -3.16
C ALA A 137 10.98 -6.66 -3.57
N PHE A 138 11.90 -6.18 -2.74
CA PHE A 138 13.34 -6.38 -2.91
C PHE A 138 13.90 -6.72 -1.55
N SER A 139 15.02 -7.44 -1.52
CA SER A 139 15.69 -7.57 -0.24
C SER A 139 17.07 -6.97 -0.33
N ILE A 140 17.46 -6.28 0.73
CA ILE A 140 18.76 -5.62 0.79
C ILE A 140 19.50 -6.09 2.01
N ILE A 141 20.59 -6.80 1.76
CA ILE A 141 21.24 -7.62 2.79
C ILE A 141 22.69 -7.25 3.08
N SER A 142 22.93 -6.76 4.29
CA SER A 142 24.27 -6.40 4.71
C SER A 142 24.71 -7.26 5.88
N GLN A 143 25.97 -7.09 6.29
CA GLN A 143 26.52 -7.86 7.38
C GLN A 143 25.77 -7.59 8.68
N GLY A 144 25.38 -6.34 8.90
CA GLY A 144 24.64 -5.97 10.08
C GLY A 144 23.24 -6.56 10.14
N LYS A 145 22.56 -6.60 9.00
CA LYS A 145 21.21 -7.17 8.95
C LYS A 145 21.27 -8.64 9.30
N VAL A 146 22.35 -9.29 8.90
CA VAL A 146 22.57 -10.70 9.20
C VAL A 146 22.86 -10.89 10.70
N GLU A 147 23.37 -9.85 11.34
CA GLU A 147 23.39 -9.83 12.80
C GLU A 147 22.04 -9.36 13.36
N GLU A 148 21.39 -8.44 12.64
CA GLU A 148 20.07 -7.95 13.04
C GLU A 148 19.19 -9.15 13.36
N ILE A 149 19.15 -10.10 12.44
CA ILE A 149 18.46 -11.37 12.69
C ILE A 149 19.01 -12.16 13.90
N LEU A 150 20.21 -12.73 13.75
CA LEU A 150 20.75 -13.74 14.68
C LEU A 150 20.71 -13.33 16.14
N SER A 151 20.92 -12.04 16.38
CA SER A 151 20.93 -11.48 17.72
C SER A 151 19.54 -11.45 18.32
N SER A 152 18.57 -10.96 17.54
CA SER A 152 17.27 -10.55 18.04
C SER A 152 16.66 -11.62 18.93
N LYS A 153 16.03 -11.20 20.02
CA LYS A 153 15.39 -12.13 20.94
C LYS A 153 14.32 -12.95 20.21
N ALA A 154 14.38 -14.27 20.36
CA ALA A 154 13.67 -15.22 19.49
C ALA A 154 12.17 -14.97 19.44
N GLU A 155 11.67 -14.09 20.32
CA GLU A 155 10.30 -13.66 20.24
C GLU A 155 10.02 -12.92 18.93
N ASP A 156 10.73 -11.82 18.69
CA ASP A 156 10.42 -10.93 17.59
C ASP A 156 10.66 -11.58 16.23
N ARG A 157 11.57 -12.56 16.21
CA ARG A 157 12.02 -13.22 15.00
C ARG A 157 10.88 -13.77 14.13
N ARG A 158 9.86 -14.33 14.78
CA ARG A 158 8.72 -14.94 14.08
C ARG A 158 8.06 -14.00 13.10
N SER A 159 8.31 -12.72 13.29
CA SER A 159 7.81 -11.69 12.41
C SER A 159 8.31 -12.01 11.02
N ILE A 160 9.52 -12.54 10.92
CA ILE A 160 10.08 -12.86 9.62
C ILE A 160 9.31 -14.01 8.98
N PHE A 161 8.81 -14.91 9.80
CA PHE A 161 8.04 -16.03 9.29
C PHE A 161 6.58 -15.69 9.09
N GLU A 162 6.07 -14.79 9.94
CA GLU A 162 4.72 -14.33 9.78
C GLU A 162 4.64 -13.61 8.46
N GLU A 163 5.70 -12.87 8.16
CA GLU A 163 5.76 -12.12 6.91
C GLU A 163 5.80 -13.06 5.71
N ALA A 164 6.59 -14.13 5.80
CA ALA A 164 6.64 -15.09 4.70
C ALA A 164 5.40 -15.97 4.67
N ALA A 165 4.74 -16.12 5.81
CA ALA A 165 3.52 -16.92 5.83
C ALA A 165 2.35 -16.05 5.40
N GLY A 166 2.67 -14.80 5.04
CA GLY A 166 1.69 -13.87 4.48
C GLY A 166 0.52 -13.61 5.41
N VAL A 167 0.79 -13.85 6.68
CA VAL A 167 -0.25 -13.92 7.66
C VAL A 167 -0.47 -12.58 8.38
N LEU A 168 0.40 -11.61 8.10
CA LEU A 168 0.34 -10.29 8.74
C LEU A 168 -0.87 -9.45 8.37
N LYS A 169 -1.29 -9.52 7.12
CA LYS A 169 -2.46 -8.76 6.73
C LYS A 169 -3.70 -9.17 7.53
N TYR A 170 -3.97 -10.47 7.63
CA TYR A 170 -5.08 -10.95 8.46
C TYR A 170 -4.99 -10.30 9.82
N LYS A 171 -3.81 -10.43 10.42
CA LYS A 171 -3.54 -9.93 11.76
C LYS A 171 -3.87 -8.46 11.95
N THR A 172 -3.74 -7.67 10.89
CA THR A 172 -4.11 -6.27 10.95
C THR A 172 -5.61 -6.15 11.06
N ARG A 173 -6.31 -6.78 10.12
CA ARG A 173 -7.70 -6.48 9.90
C ARG A 173 -8.48 -7.10 11.03
N LYS A 174 -8.07 -8.31 11.39
CA LYS A 174 -8.59 -9.00 12.56
C LYS A 174 -8.52 -8.06 13.76
N LYS A 175 -7.40 -7.36 13.85
CA LYS A 175 -7.14 -6.47 14.97
C LYS A 175 -8.11 -5.32 15.00
N LYS A 176 -8.42 -4.77 13.84
CA LYS A 176 -9.34 -3.64 13.78
C LYS A 176 -10.78 -4.10 13.92
N ALA A 177 -11.09 -5.30 13.42
CA ALA A 177 -12.43 -5.88 13.57
C ALA A 177 -12.75 -6.11 15.04
N GLU A 178 -11.71 -6.40 15.83
CA GLU A 178 -11.85 -6.55 17.27
C GLU A 178 -12.10 -5.20 17.93
N ASN A 179 -11.30 -4.21 17.55
CA ASN A 179 -11.42 -2.87 18.11
C ASN A 179 -12.75 -2.29 17.69
N LYS A 180 -13.25 -2.79 16.56
CA LYS A 180 -14.57 -2.45 16.08
C LYS A 180 -15.63 -3.23 16.85
N LEU A 181 -15.26 -4.42 17.27
CA LEU A 181 -16.18 -5.30 17.98
C LEU A 181 -16.46 -4.85 19.41
N PHE A 182 -15.46 -4.27 20.06
CA PHE A 182 -15.67 -3.72 21.40
C PHE A 182 -16.65 -2.56 21.35
N GLU A 183 -16.70 -1.89 20.21
CA GLU A 183 -17.62 -0.78 20.02
C GLU A 183 -19.01 -1.28 20.12
N THR A 184 -19.34 -2.18 19.21
CA THR A 184 -20.66 -2.77 19.17
C THR A 184 -20.95 -3.38 20.53
N GLN A 185 -19.89 -3.79 21.23
CA GLN A 185 -20.07 -4.31 22.58
C GLN A 185 -20.53 -3.25 23.57
N ASP A 186 -19.79 -2.16 23.68
CA ASP A 186 -20.12 -1.13 24.66
C ASP A 186 -21.55 -0.62 24.47
N ASN A 187 -22.00 -0.56 23.22
CA ASN A 187 -23.35 -0.11 22.93
C ASN A 187 -24.39 -1.05 23.55
N LEU A 188 -24.08 -2.34 23.60
CA LEU A 188 -24.94 -3.30 24.28
C LEU A 188 -25.07 -2.99 25.77
N ASN A 189 -23.93 -2.77 26.42
CA ASN A 189 -23.92 -2.46 27.84
C ASN A 189 -24.78 -1.23 28.09
N ARG A 190 -24.58 -0.22 27.24
CA ARG A 190 -25.38 0.99 27.32
C ARG A 190 -26.85 0.66 27.09
N VAL A 191 -27.09 -0.41 26.34
CA VAL A 191 -28.46 -0.87 26.08
C VAL A 191 -29.01 -1.70 27.22
N GLU A 192 -28.13 -2.47 27.88
CA GLU A 192 -28.54 -3.29 29.01
C GLU A 192 -29.06 -2.38 30.12
N ASP A 193 -28.57 -1.15 30.12
CA ASP A 193 -28.85 -0.16 31.16
C ASP A 193 -30.29 0.34 31.14
N ILE A 194 -30.80 0.59 29.93
CA ILE A 194 -32.17 1.05 29.79
C ILE A 194 -33.12 -0.08 30.09
N LEU A 195 -32.66 -1.28 29.79
CA LEU A 195 -33.46 -2.49 29.95
C LEU A 195 -33.85 -2.77 31.40
N HIS A 196 -32.95 -2.45 32.33
CA HIS A 196 -33.28 -2.56 33.74
C HIS A 196 -34.10 -1.34 34.22
N GLU A 197 -33.80 -0.16 33.69
CA GLU A 197 -34.59 1.03 33.99
C GLU A 197 -36.01 0.83 33.51
N LEU A 198 -36.15 0.03 32.46
CA LEU A 198 -37.45 -0.30 31.88
C LEU A 198 -38.16 -1.45 32.60
N GLU A 199 -37.58 -1.96 33.68
CA GLU A 199 -38.32 -2.89 34.54
C GLU A 199 -39.36 -2.12 35.39
N GLY A 200 -40.63 -2.49 35.24
CA GLY A 200 -41.72 -1.83 35.93
C GLY A 200 -42.99 -2.67 36.01
N PHE A 234 -47.29 4.12 29.45
CA PHE A 234 -48.46 3.81 28.63
C PHE A 234 -48.16 2.70 27.62
N GLU A 235 -48.66 2.89 26.39
CA GLU A 235 -48.48 1.93 25.31
C GLU A 235 -47.02 1.85 24.84
N ARG A 236 -46.22 2.81 25.27
CA ARG A 236 -44.87 3.01 24.77
C ARG A 236 -43.98 1.88 25.26
N VAL A 237 -43.86 1.80 26.58
CA VAL A 237 -42.99 0.84 27.25
C VAL A 237 -43.01 -0.60 26.72
N ASN A 238 -44.14 -1.28 26.88
CA ASN A 238 -44.25 -2.71 26.54
C ASN A 238 -43.91 -3.04 25.10
N GLU A 239 -44.40 -2.24 24.16
CA GLU A 239 -44.07 -2.45 22.76
C GLU A 239 -42.56 -2.34 22.49
N ARG A 240 -41.90 -1.41 23.21
CA ARG A 240 -40.45 -1.22 23.07
C ARG A 240 -39.60 -2.31 23.72
N TYR A 241 -39.88 -2.58 24.99
CA TYR A 241 -39.14 -3.58 25.76
C TYR A 241 -39.25 -4.94 25.09
N LYS A 242 -40.47 -5.33 24.71
CA LYS A 242 -40.68 -6.55 23.93
C LYS A 242 -39.71 -6.60 22.75
N PHE A 243 -39.61 -5.48 22.03
CA PHE A 243 -38.71 -5.38 20.87
C PHE A 243 -37.25 -5.15 21.25
N LEU A 244 -37.02 -4.32 22.25
CA LEU A 244 -35.66 -3.96 22.65
C LEU A 244 -34.86 -5.20 22.97
N SER A 245 -35.35 -5.99 23.91
CA SER A 245 -34.70 -7.24 24.25
C SER A 245 -34.84 -8.26 23.12
N GLU A 246 -35.86 -8.10 22.27
CA GLU A 246 -35.94 -8.92 21.07
C GLU A 246 -34.71 -8.62 20.24
N GLN A 247 -34.48 -7.34 19.97
CA GLN A 247 -33.38 -6.97 19.08
C GLN A 247 -31.99 -7.19 19.69
N LYS A 248 -31.82 -6.92 20.98
CA LYS A 248 -30.50 -7.01 21.61
C LYS A 248 -30.04 -8.45 21.69
N GLU A 249 -31.02 -9.33 21.88
CA GLU A 249 -30.83 -10.77 21.92
C GLU A 249 -30.28 -11.22 20.57
N ASP A 250 -30.78 -10.61 19.50
CA ASP A 250 -30.31 -10.87 18.15
C ASP A 250 -28.92 -10.32 17.94
N LEU A 251 -28.62 -9.22 18.62
CA LEU A 251 -27.34 -8.54 18.48
C LEU A 251 -26.17 -9.29 19.12
N THR A 252 -26.35 -9.74 20.36
CA THR A 252 -25.34 -10.56 21.01
C THR A 252 -25.14 -11.89 20.29
N GLU A 253 -26.10 -12.26 19.43
CA GLU A 253 -25.94 -13.49 18.66
C GLU A 253 -24.94 -13.22 17.55
N ALA A 254 -25.10 -12.08 16.89
CA ALA A 254 -24.16 -11.63 15.89
C ALA A 254 -22.76 -11.52 16.47
N LYS A 255 -22.64 -10.76 17.55
CA LYS A 255 -21.38 -10.55 18.23
C LYS A 255 -20.66 -11.86 18.51
N ASN A 256 -21.36 -12.80 19.12
CA ASN A 256 -20.78 -14.07 19.54
C ASN A 256 -20.05 -14.78 18.42
N THR A 257 -20.75 -14.88 17.30
CA THR A 257 -20.33 -15.68 16.20
C THR A 257 -19.21 -14.99 15.44
N LEU A 258 -19.01 -13.71 15.69
CA LEU A 258 -17.89 -13.04 15.06
C LEU A 258 -16.58 -13.52 15.67
N PHE A 259 -16.53 -13.58 16.99
CA PHE A 259 -15.36 -14.14 17.62
C PHE A 259 -15.19 -15.59 17.17
N GLN A 260 -16.32 -16.24 16.92
CA GLN A 260 -16.31 -17.56 16.36
C GLN A 260 -15.45 -17.46 15.13
N VAL A 261 -15.83 -16.55 14.24
CA VAL A 261 -15.12 -16.37 12.99
C VAL A 261 -13.63 -16.09 13.19
N ILE A 262 -13.30 -15.23 14.14
CA ILE A 262 -11.91 -14.95 14.38
C ILE A 262 -11.15 -16.21 14.74
N GLU A 263 -11.77 -17.10 15.52
CA GLU A 263 -11.16 -18.40 15.84
C GLU A 263 -10.74 -19.12 14.58
N GLU A 264 -11.72 -19.46 13.75
CA GLU A 264 -11.51 -20.19 12.52
C GLU A 264 -10.45 -19.50 11.69
N MET A 265 -10.56 -18.19 11.59
CA MET A 265 -9.57 -17.42 10.87
C MET A 265 -8.21 -17.48 11.58
N ASP A 266 -8.24 -17.55 12.90
CA ASP A 266 -7.00 -17.76 13.61
C ASP A 266 -6.50 -19.18 13.39
N GLU A 267 -7.40 -20.14 13.23
CA GLU A 267 -6.99 -21.48 12.85
C GLU A 267 -6.31 -21.45 11.51
N GLU A 268 -6.89 -20.76 10.54
CA GLU A 268 -6.26 -20.67 9.22
C GLU A 268 -5.00 -19.86 9.29
N MET A 269 -5.02 -18.75 10.01
CA MET A 269 -3.83 -17.94 10.18
C MET A 269 -2.63 -18.77 10.63
N THR A 270 -2.85 -19.66 11.59
CA THR A 270 -1.77 -20.49 12.12
C THR A 270 -1.52 -21.64 11.19
N LYS A 271 -2.60 -22.25 10.71
CA LYS A 271 -2.53 -23.24 9.66
C LYS A 271 -1.71 -22.63 8.56
N ARG A 272 -2.04 -21.39 8.19
CA ARG A 272 -1.23 -20.64 7.23
C ARG A 272 0.19 -20.46 7.69
N PHE A 273 0.37 -20.28 8.99
CA PHE A 273 1.69 -19.90 9.46
C PHE A 273 2.61 -21.07 9.32
N ASN A 274 2.34 -22.14 10.06
CA ASN A 274 3.27 -23.27 10.05
C ASN A 274 3.29 -24.13 8.80
N ASP A 275 2.23 -24.12 8.00
CA ASP A 275 2.32 -24.71 6.67
C ASP A 275 3.52 -24.12 5.95
N THR A 276 3.67 -22.81 6.12
CA THR A 276 4.81 -22.11 5.56
C THR A 276 6.00 -22.37 6.46
N PHE A 277 5.81 -22.34 7.76
CA PHE A 277 6.93 -22.54 8.68
C PHE A 277 7.62 -23.91 8.43
N VAL A 278 6.84 -24.93 8.11
CA VAL A 278 7.36 -26.25 7.77
C VAL A 278 8.23 -26.23 6.51
N GLN A 279 7.78 -25.52 5.49
CA GLN A 279 8.54 -25.40 4.25
C GLN A 279 9.87 -24.71 4.47
N ILE A 280 9.87 -23.69 5.33
CA ILE A 280 11.08 -22.92 5.58
C ILE A 280 12.04 -23.78 6.39
N ARG A 281 11.48 -24.73 7.14
CA ARG A 281 12.31 -25.69 7.88
C ARG A 281 13.05 -26.64 6.94
N SER A 282 12.31 -27.25 6.01
CA SER A 282 12.89 -28.15 5.02
C SER A 282 14.09 -27.50 4.33
N HIS A 283 13.86 -26.35 3.74
CA HIS A 283 14.91 -25.70 2.98
C HIS A 283 16.05 -25.23 3.86
N PHE A 284 15.78 -24.93 5.11
CA PHE A 284 16.82 -24.48 6.02
C PHE A 284 17.87 -25.59 6.17
N ASP A 285 17.41 -26.81 6.43
CA ASP A 285 18.31 -27.98 6.58
C ASP A 285 18.97 -28.39 5.24
N GLN A 286 18.18 -28.42 4.17
CA GLN A 286 18.63 -28.74 2.82
C GLN A 286 19.66 -27.76 2.26
N VAL A 287 19.49 -26.49 2.59
CA VAL A 287 20.41 -25.43 2.14
C VAL A 287 21.66 -25.38 3.03
N PHE A 288 21.48 -25.64 4.33
CA PHE A 288 22.57 -25.74 5.28
C PHE A 288 23.64 -26.71 4.79
N ARG A 289 23.24 -27.95 4.50
CA ARG A 289 24.14 -28.92 3.90
C ARG A 289 24.78 -28.44 2.60
N SER A 290 23.99 -27.87 1.69
CA SER A 290 24.52 -27.44 0.38
C SER A 290 25.66 -26.42 0.54
N LEU A 291 25.80 -25.92 1.76
CA LEU A 291 26.79 -24.91 2.08
C LEU A 291 27.88 -25.48 2.97
N PHE A 292 27.49 -26.02 4.13
CA PHE A 292 28.45 -26.69 5.04
C PHE A 292 28.89 -28.04 4.57
N GLY A 293 27.96 -28.81 4.05
CA GLY A 293 28.25 -30.11 3.51
C GLY A 293 28.79 -31.12 4.50
N GLY A 294 28.06 -31.39 5.57
CA GLY A 294 26.77 -30.81 5.87
C GLY A 294 26.63 -30.93 7.37
N GLY A 295 25.45 -30.67 7.89
CA GLY A 295 25.23 -30.85 9.30
C GLY A 295 23.74 -30.83 9.35
N ARG A 296 23.18 -30.72 10.53
CA ARG A 296 21.75 -30.57 10.63
C ARG A 296 21.50 -29.10 10.95
N ALA A 297 20.38 -28.59 10.47
CA ALA A 297 19.89 -27.28 10.84
C ALA A 297 18.38 -27.32 11.09
N GLU A 298 17.96 -26.89 12.26
CA GLU A 298 16.54 -26.75 12.52
C GLU A 298 16.21 -25.39 13.11
N LEU A 299 14.95 -24.99 12.98
CA LEU A 299 14.41 -23.81 13.64
C LEU A 299 13.38 -24.27 14.65
N ARG A 300 13.69 -24.09 15.93
CA ARG A 300 12.76 -24.52 16.97
C ARG A 300 11.60 -23.55 17.18
N LEU A 301 10.70 -23.92 18.06
CA LEU A 301 9.63 -23.04 18.43
C LEU A 301 9.44 -23.01 19.94
N THR A 302 9.76 -21.88 20.56
CA THR A 302 9.52 -21.71 21.98
C THR A 302 8.02 -21.60 22.12
N ASP A 303 7.42 -22.28 23.10
CA ASP A 303 5.96 -22.32 23.18
C ASP A 303 5.40 -22.82 21.84
N PRO A 304 5.47 -24.14 21.59
CA PRO A 304 4.99 -24.73 20.33
C PRO A 304 3.56 -24.29 19.97
N ASN A 305 2.67 -24.31 20.96
CA ASN A 305 1.34 -23.70 20.84
C ASN A 305 1.46 -22.22 21.15
N ASP A 306 0.35 -21.53 21.32
CA ASP A 306 0.40 -20.08 21.48
C ASP A 306 1.22 -19.48 20.35
N LEU A 307 1.08 -20.14 19.21
CA LEU A 307 1.90 -19.91 18.04
C LEU A 307 1.97 -18.44 17.70
N LEU A 308 0.81 -17.79 17.57
CA LEU A 308 0.75 -16.41 17.08
C LEU A 308 1.73 -15.47 17.80
N HIS A 309 1.79 -15.60 19.11
CA HIS A 309 2.84 -14.92 19.87
C HIS A 309 4.04 -15.77 20.34
N SER A 310 4.15 -16.99 19.84
CA SER A 310 5.29 -17.84 20.22
C SER A 310 6.61 -17.33 19.61
N GLY A 311 7.75 -17.93 19.95
CA GLY A 311 9.04 -17.52 19.39
C GLY A 311 9.72 -18.53 18.46
N VAL A 312 10.82 -18.14 17.85
CA VAL A 312 11.61 -19.09 17.04
C VAL A 312 13.13 -19.05 17.29
N GLU A 313 13.62 -20.16 17.84
CA GLU A 313 15.05 -20.41 18.04
C GLU A 313 15.67 -20.85 16.73
N ILE A 314 16.98 -20.64 16.57
CA ILE A 314 17.67 -21.19 15.41
C ILE A 314 18.88 -22.00 15.84
N ILE A 315 18.81 -23.31 15.67
CA ILE A 315 19.91 -24.19 16.07
C ILE A 315 20.58 -24.83 14.86
N ALA A 316 21.90 -24.91 14.91
CA ALA A 316 22.65 -25.45 13.79
C ALA A 316 23.84 -26.24 14.29
N GLN A 317 24.06 -27.42 13.72
CA GLN A 317 25.34 -28.07 13.87
C GLN A 317 26.09 -28.16 12.55
N PRO A 318 27.11 -27.31 12.40
CA PRO A 318 27.97 -27.43 11.23
C PRO A 318 28.70 -28.73 11.41
N PRO A 319 29.25 -29.30 10.32
CA PRO A 319 30.01 -30.57 10.39
C PRO A 319 31.11 -30.50 11.47
N GLY A 320 31.53 -31.64 12.01
CA GLY A 320 32.21 -31.60 13.29
C GLY A 320 31.24 -31.39 14.44
N LYS A 321 31.36 -30.25 15.11
CA LYS A 321 30.71 -30.01 16.40
C LYS A 321 29.25 -30.42 16.39
N LYS A 322 28.82 -31.04 17.49
CA LYS A 322 27.51 -31.65 17.55
C LYS A 322 26.39 -30.61 17.53
N LEU A 323 25.13 -31.10 17.56
CA LEU A 323 23.99 -30.22 17.43
C LEU A 323 23.94 -29.38 18.68
N GLN A 324 24.07 -28.08 18.48
CA GLN A 324 24.18 -27.23 19.63
C GLN A 324 23.79 -25.82 19.27
N ASN A 325 24.01 -24.93 20.21
CA ASN A 325 23.46 -23.60 20.10
C ASN A 325 24.33 -22.67 19.27
N LEU A 326 23.66 -21.81 18.52
CA LEU A 326 24.33 -20.83 17.68
C LEU A 326 25.18 -19.95 18.57
N ASN A 327 26.29 -19.41 18.05
CA ASN A 327 27.02 -18.38 18.82
C ASN A 327 27.59 -18.86 20.16
N LEU A 328 28.85 -19.31 20.12
CA LEU A 328 29.45 -20.47 20.83
C LEU A 328 29.58 -21.58 19.79
N LEU A 329 28.94 -21.33 18.64
CA LEU A 329 29.39 -21.84 17.35
C LEU A 329 30.49 -20.91 16.86
N SER A 330 30.20 -19.62 16.97
CA SER A 330 31.04 -18.54 16.45
C SER A 330 31.41 -18.72 14.97
N GLY A 331 32.63 -18.32 14.61
CA GLY A 331 33.09 -18.39 13.24
C GLY A 331 32.28 -17.62 12.20
N GLY A 332 32.56 -17.91 10.94
CA GLY A 332 31.68 -17.57 9.85
C GLY A 332 30.80 -18.77 9.59
N GLU A 333 30.71 -19.64 10.58
CA GLU A 333 29.66 -20.66 10.62
C GLU A 333 28.36 -19.95 10.92
N ARG A 334 28.34 -19.25 12.06
CA ARG A 334 27.19 -18.50 12.53
C ARG A 334 26.79 -17.53 11.44
N ALA A 335 27.76 -17.07 10.68
CA ALA A 335 27.46 -16.40 9.42
C ALA A 335 26.69 -17.31 8.47
N LEU A 336 27.36 -18.34 7.95
CA LEU A 336 26.85 -19.18 6.89
C LEU A 336 25.41 -19.63 7.14
N THR A 337 25.13 -20.06 8.36
CA THR A 337 23.80 -20.59 8.69
C THR A 337 22.70 -19.64 8.27
N ALA A 338 22.96 -18.35 8.44
CA ALA A 338 22.00 -17.30 8.13
C ALA A 338 21.84 -17.11 6.63
N ILE A 339 22.96 -17.16 5.91
CA ILE A 339 22.93 -17.15 4.46
C ILE A 339 22.09 -18.33 3.98
N ALA A 340 22.25 -19.45 4.67
CA ALA A 340 21.51 -20.67 4.39
C ALA A 340 20.03 -20.45 4.64
N LEU A 341 19.76 -19.88 5.81
CA LEU A 341 18.42 -19.48 6.21
C LEU A 341 17.78 -18.58 5.19
N LEU A 342 18.56 -17.65 4.67
CA LEU A 342 17.99 -16.64 3.81
C LEU A 342 17.65 -17.16 2.42
N PHE A 343 18.53 -17.97 1.83
CA PHE A 343 18.22 -18.62 0.56
C PHE A 343 16.86 -19.34 0.66
N SER A 344 16.59 -19.88 1.85
CA SER A 344 15.42 -20.71 2.10
C SER A 344 14.11 -19.92 2.33
N ILE A 345 14.19 -18.83 3.09
CA ILE A 345 13.04 -17.94 3.24
C ILE A 345 12.71 -17.36 1.86
N LEU A 346 13.74 -17.20 1.05
CA LEU A 346 13.61 -16.69 -0.30
C LEU A 346 12.85 -17.67 -1.16
N LYS A 347 12.78 -18.92 -0.72
CA LYS A 347 12.10 -19.95 -1.50
C LYS A 347 10.57 -19.85 -1.36
N VAL A 348 10.11 -19.47 -0.17
CA VAL A 348 8.68 -19.41 0.12
C VAL A 348 7.97 -18.10 -0.32
N ARG A 349 8.68 -16.97 -0.20
CA ARG A 349 8.21 -15.67 -0.73
C ARG A 349 9.36 -14.95 -1.45
N PRO A 350 9.65 -15.38 -2.69
CA PRO A 350 10.79 -14.84 -3.45
C PRO A 350 10.56 -13.40 -3.89
N VAL A 351 11.64 -12.71 -4.28
CA VAL A 351 11.56 -11.33 -4.76
C VAL A 351 12.57 -11.12 -5.90
N PRO A 352 12.22 -10.29 -6.92
CA PRO A 352 13.17 -10.22 -8.06
C PRO A 352 14.22 -9.10 -7.91
N PHE A 353 14.70 -8.91 -6.70
CA PHE A 353 15.76 -7.98 -6.43
C PHE A 353 16.54 -8.53 -5.27
N CYS A 354 17.80 -8.90 -5.46
CA CYS A 354 18.56 -9.14 -4.26
C CYS A 354 19.96 -8.63 -4.31
N VAL A 355 20.27 -7.85 -3.29
CA VAL A 355 21.61 -7.33 -3.14
C VAL A 355 22.21 -7.87 -1.86
N LEU A 356 23.53 -8.03 -1.89
CA LEU A 356 24.25 -8.60 -0.79
C LEU A 356 25.49 -7.73 -0.55
N ASP A 357 25.61 -7.15 0.65
CA ASP A 357 26.71 -6.21 0.92
C ASP A 357 27.81 -6.91 1.74
N GLU A 358 28.89 -7.28 1.05
CA GLU A 358 30.06 -7.93 1.66
C GLU A 358 29.69 -9.00 2.70
N VAL A 359 28.76 -9.89 2.33
CA VAL A 359 28.22 -10.89 3.26
C VAL A 359 29.08 -12.15 3.50
N GLU A 360 29.89 -12.53 2.50
CA GLU A 360 30.67 -13.77 2.60
C GLU A 360 32.06 -13.62 3.20
N ALA A 361 32.35 -12.45 3.74
CA ALA A 361 33.70 -12.17 4.26
C ALA A 361 34.18 -13.04 5.44
N ALA A 362 33.29 -13.83 6.07
CA ALA A 362 33.69 -14.79 7.12
C ALA A 362 33.81 -16.26 6.67
N LEU A 363 33.49 -16.52 5.41
CA LEU A 363 33.43 -17.87 4.88
C LEU A 363 34.79 -18.30 4.36
N ASP A 364 35.11 -19.58 4.49
CA ASP A 364 36.39 -20.03 3.97
C ASP A 364 36.21 -20.71 2.62
N GLU A 365 36.57 -20.00 1.55
CA GLU A 365 36.80 -20.62 0.23
C GLU A 365 35.69 -21.50 -0.35
N ALA A 366 35.89 -22.82 -0.33
CA ALA A 366 34.85 -23.77 -0.74
C ALA A 366 33.48 -23.39 -0.16
N ASN A 367 33.48 -22.94 1.10
CA ASN A 367 32.34 -22.20 1.63
C ASN A 367 32.04 -21.07 0.68
N VAL A 368 32.93 -20.08 0.60
CA VAL A 368 32.77 -18.93 -0.29
C VAL A 368 32.35 -19.41 -1.68
N PHE A 369 32.97 -20.51 -2.12
CA PHE A 369 32.57 -21.16 -3.36
C PHE A 369 31.09 -21.54 -3.32
N ARG A 370 30.73 -22.54 -2.51
CA ARG A 370 29.34 -23.07 -2.44
C ARG A 370 28.27 -21.97 -2.32
N PHE A 371 28.59 -20.94 -1.55
CA PHE A 371 27.72 -19.80 -1.42
C PHE A 371 27.66 -19.15 -2.78
N ALA A 372 28.82 -18.79 -3.32
CA ALA A 372 28.90 -18.12 -4.61
C ALA A 372 28.29 -19.04 -5.65
N GLN A 373 28.51 -20.33 -5.48
CA GLN A 373 27.86 -21.34 -6.30
C GLN A 373 26.36 -21.07 -6.28
N TYR A 374 25.78 -21.02 -5.09
CA TYR A 374 24.35 -20.88 -4.96
C TYR A 374 23.79 -19.73 -5.76
N LEU A 375 24.49 -18.61 -5.76
CA LEU A 375 24.06 -17.50 -6.56
C LEU A 375 24.33 -17.78 -8.04
N LYS A 376 25.39 -18.56 -8.33
CA LYS A 376 25.71 -18.86 -9.72
C LYS A 376 24.46 -19.53 -10.27
N LYS A 377 23.92 -20.44 -9.48
CA LYS A 377 22.70 -21.16 -9.80
C LYS A 377 21.46 -20.29 -9.57
N TYR A 378 21.56 -19.33 -8.66
CA TYR A 378 20.42 -18.48 -8.49
C TYR A 378 20.63 -17.34 -9.47
N SER A 379 20.00 -17.47 -10.63
CA SER A 379 20.19 -16.51 -11.69
C SER A 379 18.83 -16.22 -12.30
N SER A 380 18.29 -17.24 -12.95
CA SER A 380 17.03 -17.16 -13.68
C SER A 380 15.88 -16.86 -12.73
N ASP A 381 16.18 -16.91 -11.44
CA ASP A 381 15.19 -16.64 -10.43
C ASP A 381 15.03 -15.14 -10.28
N THR A 382 16.02 -14.50 -9.68
CA THR A 382 15.93 -13.07 -9.38
C THR A 382 17.21 -12.38 -9.85
N GLN A 383 17.22 -11.05 -9.90
CA GLN A 383 18.44 -10.34 -10.27
C GLN A 383 19.34 -10.15 -9.05
N PHE A 384 20.59 -10.61 -9.15
CA PHE A 384 21.51 -10.59 -8.02
C PHE A 384 22.65 -9.62 -8.22
N ILE A 385 22.75 -8.66 -7.31
CA ILE A 385 23.89 -7.77 -7.30
C ILE A 385 24.57 -7.93 -5.97
N VAL A 386 25.74 -8.54 -5.98
CA VAL A 386 26.45 -8.72 -4.73
C VAL A 386 27.72 -7.88 -4.78
N ILE A 387 28.09 -7.28 -3.65
CA ILE A 387 29.31 -6.50 -3.57
C ILE A 387 30.33 -7.15 -2.60
N THR A 388 31.52 -7.50 -3.11
CA THR A 388 32.60 -8.07 -2.30
C THR A 388 34.04 -8.01 -2.84
N HIS A 389 35.00 -8.20 -1.93
CA HIS A 389 36.42 -8.31 -2.27
C HIS A 389 36.83 -9.77 -2.49
N ARG A 390 35.85 -10.68 -2.37
CA ARG A 390 36.10 -12.12 -2.34
C ARG A 390 36.33 -12.75 -3.71
N LYS A 391 37.19 -13.75 -3.71
CA LYS A 391 37.66 -14.39 -4.93
C LYS A 391 36.68 -15.43 -5.51
N GLY A 392 36.09 -16.22 -4.62
CA GLY A 392 35.13 -17.25 -5.03
C GLY A 392 34.07 -16.66 -5.93
N THR A 393 33.50 -15.54 -5.51
CA THR A 393 32.43 -14.92 -6.27
C THR A 393 32.98 -14.19 -7.49
N MET A 394 34.06 -13.43 -7.31
CA MET A 394 34.62 -12.55 -8.35
C MET A 394 34.80 -13.22 -9.74
N GLU A 395 35.42 -14.39 -9.78
CA GLU A 395 35.56 -15.14 -11.04
C GLU A 395 34.31 -15.95 -11.40
N GLU A 396 33.56 -16.32 -10.36
CA GLU A 396 32.28 -17.00 -10.55
C GLU A 396 31.25 -15.95 -10.85
N ALA A 397 31.68 -14.69 -10.85
CA ALA A 397 30.76 -13.61 -11.13
C ALA A 397 30.43 -13.57 -12.60
N ASP A 398 29.55 -12.63 -12.94
CA ASP A 398 29.26 -12.36 -14.31
C ASP A 398 30.00 -11.09 -14.71
N VAL A 399 29.56 -9.96 -14.15
CA VAL A 399 30.15 -8.67 -14.52
C VAL A 399 30.61 -7.83 -13.32
N LEU A 400 31.88 -7.44 -13.35
CA LEU A 400 32.51 -6.67 -12.27
C LEU A 400 32.73 -5.19 -12.62
N TYR A 401 32.57 -4.34 -11.61
CA TYR A 401 32.87 -2.93 -11.71
C TYR A 401 33.80 -2.60 -10.56
N GLY A 402 34.95 -2.01 -10.86
CA GLY A 402 35.88 -1.66 -9.81
C GLY A 402 35.52 -0.32 -9.19
N VAL A 403 35.71 -0.22 -7.87
CA VAL A 403 35.43 1.03 -7.16
C VAL A 403 36.57 1.37 -6.21
N THR A 404 37.19 2.52 -6.41
CA THR A 404 38.44 2.87 -5.75
C THR A 404 38.48 4.32 -5.20
N MET A 405 38.75 4.49 -3.90
CA MET A 405 38.82 5.82 -3.28
C MET A 405 40.15 6.51 -3.53
N VAL A 410 37.09 10.54 -2.86
CA VAL A 410 36.34 10.46 -4.12
C VAL A 410 36.48 9.06 -4.71
N SER A 411 35.44 8.57 -5.39
CA SER A 411 35.48 7.22 -5.95
C SER A 411 35.12 7.14 -7.43
N LYS A 412 35.59 6.08 -8.10
CA LYS A 412 35.37 5.91 -9.53
C LYS A 412 35.07 4.47 -9.88
N VAL A 413 34.25 4.28 -10.91
CA VAL A 413 33.91 2.92 -11.31
C VAL A 413 33.58 2.65 -12.78
N ILE A 414 34.03 1.47 -13.19
CA ILE A 414 33.71 0.84 -14.46
C ILE A 414 34.27 -0.57 -14.34
N SER A 415 34.21 -1.32 -15.42
CA SER A 415 34.68 -2.71 -15.43
C SER A 415 36.15 -2.91 -15.07
N MET B 1 -6.12 8.55 13.03
CA MET B 1 -7.45 9.11 13.25
C MET B 1 -7.35 10.60 13.58
N PHE B 2 -7.98 11.04 14.67
CA PHE B 2 -8.06 12.47 14.96
C PHE B 2 -6.78 13.01 15.57
N LEU B 3 -6.15 13.95 14.88
CA LEU B 3 -4.84 14.42 15.26
C LEU B 3 -4.83 15.09 16.63
N LYS B 4 -3.91 14.65 17.50
CA LYS B 4 -3.79 15.28 18.81
C LYS B 4 -2.97 16.56 18.81
N ARG B 5 -1.87 16.60 18.07
CA ARG B 5 -0.90 17.66 18.28
C ARG B 5 0.21 17.66 17.25
N LEU B 6 0.87 18.81 17.14
CA LEU B 6 1.98 18.96 16.25
C LEU B 6 3.11 19.63 16.99
N ASP B 7 4.27 18.97 17.06
CA ASP B 7 5.43 19.59 17.69
C ASP B 7 6.32 20.16 16.61
N VAL B 8 6.77 21.40 16.81
CA VAL B 8 7.50 22.09 15.75
C VAL B 8 8.78 22.75 16.19
N ILE B 9 9.91 22.27 15.67
CA ILE B 9 11.23 22.83 15.96
C ILE B 9 12.16 22.90 14.74
N GLY B 10 12.65 24.10 14.46
CA GLY B 10 13.72 24.31 13.50
C GLY B 10 13.38 24.15 12.03
N PHE B 11 12.09 24.21 11.73
CA PHE B 11 11.60 23.78 10.43
C PHE B 11 11.75 24.79 9.28
N LYS B 12 10.92 25.82 9.23
CA LYS B 12 11.11 26.81 8.19
C LYS B 12 11.27 28.17 8.83
N SER B 13 10.19 28.71 9.38
CA SER B 13 10.22 29.98 10.12
C SER B 13 10.27 29.73 11.62
N PHE B 14 10.42 28.48 11.99
CA PHE B 14 10.18 28.09 13.38
C PHE B 14 11.44 27.91 14.21
N ALA B 15 11.65 28.85 15.11
CA ALA B 15 12.85 28.89 15.90
C ALA B 15 12.66 27.98 17.10
N GLU B 16 11.86 28.43 18.05
CA GLU B 16 11.55 27.65 19.25
C GLU B 16 10.58 26.54 18.91
N ARG B 17 10.48 25.58 19.83
CA ARG B 17 9.37 24.65 19.82
C ARG B 17 8.16 25.53 19.82
N ILE B 18 7.27 25.33 18.85
CA ILE B 18 5.89 25.78 19.06
C ILE B 18 4.95 24.63 18.82
N SER B 19 4.35 24.18 19.92
CA SER B 19 3.52 22.99 19.90
C SER B 19 2.08 23.42 19.77
N VAL B 20 1.34 22.63 19.00
CA VAL B 20 -0.01 22.96 18.59
C VAL B 20 -0.93 21.81 18.97
N ASP B 21 -1.99 22.12 19.70
CA ASP B 21 -2.78 21.04 20.33
C ASP B 21 -4.11 20.55 19.68
N PHE B 22 -4.53 21.12 18.56
CA PHE B 22 -5.36 20.35 17.60
C PHE B 22 -6.61 19.61 18.07
N VAL B 23 -7.68 20.34 18.30
CA VAL B 23 -8.93 19.69 18.68
C VAL B 23 -9.48 18.76 17.60
N LYS B 24 -10.35 17.85 18.04
CA LYS B 24 -11.14 17.00 17.15
C LYS B 24 -12.24 17.80 16.45
N GLY B 25 -12.43 17.55 15.15
CA GLY B 25 -13.21 18.43 14.29
C GLY B 25 -12.51 19.73 13.92
N VAL B 26 -13.18 20.86 14.17
CA VAL B 26 -12.73 22.17 13.67
C VAL B 26 -11.62 22.83 14.50
N THR B 27 -10.69 23.48 13.79
CA THR B 27 -9.52 24.12 14.40
C THR B 27 -9.05 25.26 13.49
N ALA B 28 -8.26 26.21 14.01
CA ALA B 28 -7.97 27.42 13.23
C ALA B 28 -6.55 27.99 13.35
N VAL B 29 -6.14 28.80 12.36
CA VAL B 29 -4.81 29.44 12.32
C VAL B 29 -4.80 30.89 11.76
N VAL B 30 -4.33 31.87 12.54
CA VAL B 30 -4.37 33.26 12.06
C VAL B 30 -3.03 33.86 11.74
N GLY B 31 -2.97 34.58 10.62
CA GLY B 31 -1.81 35.36 10.28
C GLY B 31 -1.92 36.08 8.95
N PRO B 32 -1.04 37.08 8.75
CA PRO B 32 -0.82 37.81 7.50
C PRO B 32 0.40 37.29 6.74
N GLY B 36 3.04 35.02 8.79
CA GLY B 36 3.83 33.88 8.33
C GLY B 36 3.19 32.53 8.62
N LYS B 37 1.92 32.57 9.05
CA LYS B 37 1.17 31.39 9.51
C LYS B 37 1.10 30.23 8.52
N SER B 38 1.29 30.55 7.25
CA SER B 38 1.04 29.66 6.12
C SER B 38 1.79 28.34 6.23
N ASN B 39 2.81 28.33 7.06
CA ASN B 39 3.75 27.23 7.07
C ASN B 39 3.36 26.02 7.91
N ILE B 40 2.22 26.10 8.59
CA ILE B 40 1.83 24.98 9.43
C ILE B 40 1.30 23.84 8.60
N THR B 41 0.52 24.14 7.57
CA THR B 41 0.06 23.07 6.66
C THR B 41 1.27 22.30 6.13
N ASP B 42 2.24 23.06 5.62
CA ASP B 42 3.50 22.54 5.09
C ASP B 42 4.18 21.54 6.01
N ALA B 43 4.14 21.83 7.31
CA ALA B 43 4.67 20.94 8.30
C ALA B 43 4.05 19.56 8.15
N ILE B 44 2.74 19.47 8.41
CA ILE B 44 2.04 18.21 8.31
C ILE B 44 2.18 17.63 6.92
N ARG B 45 1.97 18.49 5.93
CA ARG B 45 2.16 18.12 4.53
C ARG B 45 3.48 17.39 4.39
N TRP B 46 4.53 17.99 4.94
CA TRP B 46 5.87 17.42 4.86
C TRP B 46 6.06 16.19 5.73
N VAL B 47 5.59 16.24 6.98
CA VAL B 47 5.76 15.09 7.87
C VAL B 47 5.03 13.89 7.30
N LEU B 48 3.89 14.17 6.66
CA LEU B 48 3.09 13.13 6.01
C LEU B 48 3.83 12.52 4.82
N GLY B 49 4.55 13.36 4.08
CA GLY B 49 5.36 12.91 2.95
C GLY B 49 4.85 13.31 1.58
N GLU B 50 3.76 14.07 1.55
CA GLU B 50 3.24 14.59 0.30
C GLU B 50 3.95 15.87 -0.15
N GLN B 51 3.87 16.16 -1.45
CA GLN B 51 4.82 17.00 -2.20
C GLN B 51 5.23 18.44 -1.74
N SER B 52 4.29 19.20 -1.19
CA SER B 52 4.55 20.61 -0.82
C SER B 52 4.96 21.50 -2.01
N SER B 71 16.31 27.23 4.00
CA SER B 71 14.93 27.31 3.57
C SER B 71 14.06 26.30 4.30
N ARG B 72 14.31 25.03 4.03
CA ARG B 72 13.64 23.94 4.71
C ARG B 72 14.11 23.80 6.16
N LYS B 73 15.12 24.58 6.55
CA LYS B 73 15.60 24.66 7.93
C LYS B 73 15.97 26.12 8.24
N ARG B 74 15.91 26.50 9.50
CA ARG B 74 15.61 27.89 9.87
C ARG B 74 16.47 29.04 9.30
N LEU B 75 17.69 29.30 9.80
CA LEU B 75 18.59 30.37 9.27
C LEU B 75 18.26 31.89 9.30
N ASN B 76 17.76 32.46 10.39
CA ASN B 76 17.04 33.75 10.27
C ASN B 76 17.76 35.10 10.42
N LEU B 77 19.06 35.10 10.64
CA LEU B 77 19.86 36.34 10.63
C LEU B 77 19.69 37.33 11.83
N ALA B 78 18.56 37.31 12.56
CA ALA B 78 18.59 37.88 13.90
C ALA B 78 18.88 36.69 14.85
N GLU B 79 19.03 35.51 14.24
CA GLU B 79 19.33 34.28 14.96
C GLU B 79 20.14 33.29 14.09
N VAL B 80 20.92 32.43 14.77
CA VAL B 80 21.86 31.49 14.15
C VAL B 80 21.18 30.44 13.29
N THR B 81 21.74 30.19 12.10
CA THR B 81 21.17 29.24 11.15
C THR B 81 21.15 27.85 11.77
N LEU B 82 20.29 27.01 11.23
CA LEU B 82 20.06 25.70 11.82
C LEU B 82 20.18 24.60 10.80
N THR B 83 20.81 23.52 11.26
CA THR B 83 21.09 22.30 10.48
C THR B 83 20.17 21.07 10.69
N LEU B 84 19.12 21.18 11.50
CA LEU B 84 18.10 20.12 11.58
C LEU B 84 16.66 20.67 11.48
N ASP B 85 15.70 19.81 11.16
CA ASP B 85 14.28 20.16 11.29
C ASP B 85 13.44 18.99 11.80
N ASN B 86 12.73 19.17 12.90
CA ASN B 86 12.04 18.04 13.55
C ASN B 86 10.57 18.31 13.79
N ASP B 87 9.68 17.55 13.13
CA ASP B 87 8.25 17.76 13.35
C ASP B 87 7.46 16.51 13.73
N ASP B 88 6.57 16.64 14.71
CA ASP B 88 5.99 15.49 15.41
C ASP B 88 4.47 15.47 15.36
N HIS B 89 3.90 14.32 15.04
CA HIS B 89 2.47 14.15 14.92
C HIS B 89 1.91 13.32 16.04
N PHE B 90 1.14 13.93 16.93
CA PHE B 90 0.65 13.20 18.10
C PHE B 90 -0.42 12.16 17.73
N LEU B 91 -1.48 12.60 17.07
CA LEU B 91 -2.28 11.72 16.22
C LEU B 91 -2.72 10.35 16.76
N PRO B 92 -3.75 10.29 17.64
CA PRO B 92 -4.29 9.03 18.21
C PRO B 92 -5.07 8.05 17.26
N ILE B 93 -4.80 6.74 17.36
CA ILE B 93 -5.38 5.71 16.46
C ILE B 93 -6.18 4.60 17.17
N ASP B 94 -7.50 4.61 16.95
CA ASP B 94 -8.42 3.60 17.47
C ASP B 94 -8.21 3.24 18.94
N HIS B 96 -4.47 3.89 21.76
CA HIS B 96 -3.08 4.34 21.76
C HIS B 96 -2.95 5.78 21.25
N GLU B 97 -1.82 6.43 21.57
CA GLU B 97 -1.44 7.72 20.98
C GLU B 97 -0.17 7.54 20.15
N VAL B 98 -0.28 7.69 18.83
CA VAL B 98 0.81 7.34 17.91
C VAL B 98 1.60 8.54 17.33
N SER B 99 2.86 8.63 17.72
CA SER B 99 3.70 9.76 17.33
C SER B 99 4.36 9.52 15.99
N VAL B 100 4.09 10.42 15.04
CA VAL B 100 4.79 10.40 13.77
C VAL B 100 5.63 11.65 13.66
N THR B 101 6.94 11.44 13.55
CA THR B 101 7.93 12.50 13.71
C THR B 101 8.97 12.42 12.58
N ARG B 102 9.36 13.55 11.99
CA ARG B 102 10.34 13.56 10.88
C ARG B 102 11.47 14.59 11.00
N ARG B 103 12.71 14.16 10.72
CA ARG B 103 13.91 15.01 10.84
C ARG B 103 14.68 15.07 9.53
N VAL B 104 15.44 16.15 9.31
CA VAL B 104 16.39 16.26 8.20
C VAL B 104 17.58 17.14 8.61
N TYR B 105 18.79 16.83 8.12
CA TYR B 105 19.96 17.71 8.30
C TYR B 105 20.67 18.11 7.01
N ARG B 106 21.69 18.94 7.16
CA ARG B 106 22.86 18.89 6.32
C ARG B 106 23.81 18.06 7.20
N SER B 107 24.44 16.99 6.70
CA SER B 107 24.62 16.63 5.28
C SER B 107 23.46 16.58 4.26
N GLY B 108 22.32 15.99 4.59
CA GLY B 108 22.14 15.39 5.87
C GLY B 108 21.23 14.21 5.84
N GLU B 109 21.40 13.44 6.88
CA GLU B 109 20.62 12.27 7.13
C GLU B 109 19.18 12.72 7.37
N SER B 110 18.25 11.78 7.27
CA SER B 110 16.89 11.98 7.75
C SER B 110 16.42 10.72 8.47
N GLU B 111 15.66 10.88 9.55
CA GLU B 111 15.29 9.74 10.36
C GLU B 111 13.79 9.59 10.36
N PHE B 112 13.28 8.43 10.76
CA PHE B 112 11.84 8.29 10.90
C PHE B 112 11.44 7.54 12.15
N LEU B 113 10.58 8.14 12.96
CA LEU B 113 10.29 7.55 14.26
C LEU B 113 8.82 7.44 14.60
N ILE B 114 8.37 6.22 14.78
CA ILE B 114 7.06 5.98 15.34
C ILE B 114 7.22 5.88 16.85
N ASN B 115 6.47 6.70 17.59
CA ASN B 115 6.58 6.74 19.04
C ASN B 115 8.04 6.86 19.48
N ASN B 116 8.77 7.69 18.75
CA ASN B 116 10.19 7.90 18.97
C ASN B 116 11.07 6.65 18.96
N GLN B 117 10.81 5.75 18.02
CA GLN B 117 11.79 4.74 17.67
C GLN B 117 11.94 4.76 16.15
N PRO B 118 13.19 4.71 15.66
CA PRO B 118 13.51 4.94 14.24
C PRO B 118 12.98 3.90 13.26
N CYS B 119 12.39 4.37 12.15
CA CYS B 119 11.66 3.48 11.26
C CYS B 119 11.82 3.80 9.77
N ARG B 120 11.35 2.87 8.95
CA ARG B 120 11.42 2.98 7.51
C ARG B 120 10.19 3.74 7.02
N LEU B 121 10.15 4.02 5.72
CA LEU B 121 9.02 4.73 5.10
C LEU B 121 7.80 3.94 4.60
N LYS B 122 8.03 2.75 4.04
CA LYS B 122 6.94 1.85 3.64
C LYS B 122 6.13 1.60 4.92
N ASP B 123 6.90 1.52 6.01
CA ASP B 123 6.41 1.45 7.38
C ASP B 123 5.48 2.62 7.74
N ILE B 124 5.61 3.75 7.02
CA ILE B 124 4.72 4.87 7.30
C ILE B 124 3.28 4.53 6.94
N ILE B 125 3.05 3.94 5.77
CA ILE B 125 1.68 3.69 5.39
C ILE B 125 0.94 2.80 6.39
N ASP B 126 1.12 1.48 6.28
CA ASP B 126 0.43 0.56 7.19
C ASP B 126 -1.03 0.95 7.48
N LEU B 127 -1.31 1.32 8.75
CA LEU B 127 -2.66 1.72 9.19
C LEU B 127 -3.22 2.83 8.28
N PHE B 128 -2.34 3.49 7.52
CA PHE B 128 -2.77 4.41 6.45
C PHE B 128 -3.58 3.73 5.35
N MET B 129 -3.08 2.63 4.82
CA MET B 129 -3.90 1.83 3.92
C MET B 129 -4.63 0.63 4.55
N ASP B 130 -4.30 0.32 5.81
CA ASP B 130 -4.97 -0.75 6.56
C ASP B 130 -5.51 -0.24 7.90
N GLU B 136 -8.46 8.84 -0.40
CA GLU B 136 -7.47 7.96 0.22
C GLU B 136 -7.45 8.03 1.75
N ALA B 137 -6.67 8.99 2.26
CA ALA B 137 -6.35 9.02 3.69
C ALA B 137 -6.66 10.38 4.31
N PHE B 138 -5.99 11.39 3.79
CA PHE B 138 -6.17 12.77 4.21
C PHE B 138 -6.23 13.63 2.96
N SER B 139 -6.88 14.78 3.03
CA SER B 139 -6.73 15.69 1.91
C SER B 139 -6.09 16.98 2.39
N ILE B 140 -5.19 17.51 1.57
CA ILE B 140 -4.48 18.74 1.89
C ILE B 140 -4.69 19.73 0.77
N ILE B 141 -5.39 20.81 1.09
CA ILE B 141 -5.98 21.71 0.10
C ILE B 141 -5.50 23.16 0.18
N SER B 142 -4.78 23.60 -0.85
CA SER B 142 -4.29 24.96 -0.92
C SER B 142 -4.90 25.66 -2.11
N GLN B 143 -4.59 26.96 -2.23
CA GLN B 143 -5.14 27.77 -3.30
C GLN B 143 -4.66 27.27 -4.66
N GLY B 144 -3.41 26.83 -4.73
CA GLY B 144 -2.84 26.30 -5.96
C GLY B 144 -3.46 24.98 -6.39
N LYS B 145 -3.77 24.11 -5.43
CA LYS B 145 -4.39 22.82 -5.77
C LYS B 145 -5.75 23.07 -6.36
N VAL B 146 -6.42 24.09 -5.86
CA VAL B 146 -7.73 24.47 -6.36
C VAL B 146 -7.64 25.07 -7.76
N GLU B 147 -6.47 25.61 -8.11
CA GLU B 147 -6.18 25.91 -9.52
C GLU B 147 -5.67 24.66 -10.24
N GLU B 148 -4.92 23.81 -9.52
CA GLU B 148 -4.42 22.54 -10.07
C GLU B 148 -5.57 21.83 -10.77
N ILE B 149 -6.68 21.68 -10.05
CA ILE B 149 -7.89 21.17 -10.65
C ILE B 149 -8.42 22.01 -11.85
N LEU B 150 -8.97 23.18 -11.55
CA LEU B 150 -9.75 23.97 -12.52
C LEU B 150 -9.09 24.17 -13.87
N SER B 151 -7.78 24.36 -13.83
CA SER B 151 -6.98 24.56 -15.02
C SER B 151 -6.89 23.30 -15.88
N SER B 152 -6.61 22.18 -15.22
CA SER B 152 -6.17 20.97 -15.91
C SER B 152 -7.08 20.64 -17.08
N LYS B 153 -6.48 20.20 -18.18
CA LYS B 153 -7.24 19.83 -19.36
C LYS B 153 -8.23 18.70 -19.02
N ALA B 154 -9.50 18.90 -19.39
CA ALA B 154 -10.61 18.10 -18.87
C ALA B 154 -10.44 16.59 -19.08
N GLU B 155 -9.44 16.22 -19.86
CA GLU B 155 -9.07 14.82 -19.99
C GLU B 155 -8.62 14.24 -18.64
N ASP B 156 -7.55 14.81 -18.07
CA ASP B 156 -6.90 14.19 -16.93
C ASP B 156 -7.78 14.24 -15.68
N ARG B 157 -8.70 15.20 -15.66
CA ARG B 157 -9.57 15.47 -14.51
C ARG B 157 -10.31 14.23 -14.02
N ARG B 158 -10.78 13.40 -14.94
CA ARG B 158 -11.57 12.20 -14.62
C ARG B 158 -10.86 11.30 -13.63
N SER B 159 -9.55 11.49 -13.52
CA SER B 159 -8.73 10.75 -12.60
C SER B 159 -9.29 10.97 -11.22
N ILE B 160 -9.77 12.19 -10.98
CA ILE B 160 -10.30 12.51 -9.67
C ILE B 160 -11.58 11.73 -9.39
N PHE B 161 -12.34 11.47 -10.44
CA PHE B 161 -13.56 10.70 -10.29
C PHE B 161 -13.31 9.20 -10.34
N GLU B 162 -12.30 8.80 -11.11
CA GLU B 162 -11.93 7.42 -11.16
C GLU B 162 -11.50 7.04 -9.78
N GLU B 163 -10.79 7.96 -9.14
CA GLU B 163 -10.28 7.72 -7.80
C GLU B 163 -11.41 7.60 -6.79
N ALA B 164 -12.42 8.46 -6.91
CA ALA B 164 -13.56 8.35 -6.01
C ALA B 164 -14.51 7.23 -6.39
N ALA B 165 -14.46 6.81 -7.65
CA ALA B 165 -15.28 5.69 -8.06
C ALA B 165 -14.54 4.38 -7.72
N GLY B 166 -13.38 4.52 -7.08
CA GLY B 166 -12.61 3.39 -6.59
C GLY B 166 -12.21 2.40 -7.66
N VAL B 167 -12.22 2.93 -8.88
CA VAL B 167 -12.14 2.11 -10.06
C VAL B 167 -10.68 1.92 -10.56
N LEU B 168 -9.75 2.64 -9.94
CA LEU B 168 -8.33 2.60 -10.35
C LEU B 168 -7.61 1.29 -10.09
N LYS B 169 -7.92 0.65 -8.96
CA LYS B 169 -7.32 -0.65 -8.71
C LYS B 169 -7.65 -1.68 -9.78
N TYR B 170 -8.92 -1.83 -10.17
CA TYR B 170 -9.29 -2.70 -11.27
C TYR B 170 -8.39 -2.42 -12.46
N LYS B 171 -8.36 -1.14 -12.84
CA LYS B 171 -7.60 -0.65 -13.97
C LYS B 171 -6.14 -1.07 -13.95
N THR B 172 -5.55 -1.19 -12.77
CA THR B 172 -4.18 -1.64 -12.67
C THR B 172 -4.08 -3.09 -13.03
N ARG B 173 -4.91 -3.90 -12.40
CA ARG B 173 -4.71 -5.35 -12.40
C ARG B 173 -5.15 -5.85 -13.76
N LYS B 174 -6.28 -5.30 -14.24
CA LYS B 174 -6.75 -5.51 -15.60
C LYS B 174 -5.59 -5.27 -16.57
N LYS B 175 -4.83 -4.21 -16.31
CA LYS B 175 -3.75 -3.82 -17.19
C LYS B 175 -2.65 -4.84 -17.22
N LYS B 176 -2.34 -5.42 -16.07
CA LYS B 176 -1.28 -6.42 -15.99
C LYS B 176 -1.77 -7.78 -16.51
N ALA B 177 -3.04 -8.09 -16.28
CA ALA B 177 -3.63 -9.32 -16.79
C ALA B 177 -3.60 -9.31 -18.31
N GLU B 178 -3.69 -8.13 -18.91
CA GLU B 178 -3.59 -7.98 -20.36
C GLU B 178 -2.16 -8.20 -20.81
N ASN B 179 -1.22 -7.56 -20.11
CA ASN B 179 0.20 -7.69 -20.43
C ASN B 179 0.62 -9.13 -20.20
N LYS B 180 -0.09 -9.79 -19.31
CA LYS B 180 0.10 -11.19 -19.04
C LYS B 180 -0.55 -12.00 -20.13
N LEU B 181 -1.63 -11.46 -20.69
CA LEU B 181 -2.40 -12.14 -21.72
C LEU B 181 -1.70 -12.18 -23.06
N PHE B 182 -0.96 -11.14 -23.38
CA PHE B 182 -0.19 -11.14 -24.61
C PHE B 182 0.89 -12.19 -24.58
N GLU B 183 1.34 -12.52 -23.37
CA GLU B 183 2.35 -13.55 -23.18
C GLU B 183 1.82 -14.86 -23.65
N THR B 184 0.74 -15.27 -23.00
CA THR B 184 0.11 -16.53 -23.32
C THR B 184 -0.24 -16.49 -24.79
N GLN B 185 -0.47 -15.31 -25.32
CA GLN B 185 -0.73 -15.19 -26.75
C GLN B 185 0.47 -15.54 -27.63
N ASP B 186 1.60 -14.88 -27.39
CA ASP B 186 2.78 -15.10 -28.21
C ASP B 186 3.19 -16.56 -28.23
N ASN B 187 2.98 -17.24 -27.11
CA ASN B 187 3.32 -18.66 -27.02
C ASN B 187 2.47 -19.48 -27.99
N LEU B 188 1.23 -19.06 -28.20
CA LEU B 188 0.37 -19.68 -29.20
C LEU B 188 0.94 -19.56 -30.61
N ASN B 189 1.33 -18.33 -30.97
CA ASN B 189 1.91 -18.09 -32.28
C ASN B 189 3.12 -18.97 -32.46
N ARG B 190 3.96 -19.03 -31.43
CA ARG B 190 5.13 -19.88 -31.43
C ARG B 190 4.71 -21.34 -31.56
N VAL B 191 3.50 -21.64 -31.08
CA VAL B 191 2.94 -22.99 -31.20
C VAL B 191 2.31 -23.24 -32.57
N GLU B 192 1.71 -22.20 -33.15
CA GLU B 192 1.11 -22.32 -34.48
C GLU B 192 2.18 -22.68 -35.50
N ASP B 193 3.42 -22.30 -35.19
CA ASP B 193 4.58 -22.47 -36.07
C ASP B 193 5.03 -23.92 -36.23
N ILE B 194 5.02 -24.67 -35.14
CA ILE B 194 5.40 -26.07 -35.20
C ILE B 194 4.29 -26.85 -35.88
N LEU B 195 3.07 -26.37 -35.72
CA LEU B 195 1.89 -27.03 -36.24
C LEU B 195 1.87 -27.12 -37.77
N HIS B 196 2.39 -26.09 -38.43
CA HIS B 196 2.53 -26.12 -39.87
C HIS B 196 3.78 -26.92 -40.29
N GLU B 197 4.85 -26.83 -39.49
CA GLU B 197 6.06 -27.63 -39.74
C GLU B 197 5.71 -29.10 -39.59
N LEU B 198 4.71 -29.37 -38.76
CA LEU B 198 4.22 -30.73 -38.52
C LEU B 198 3.18 -31.18 -39.55
N GLU B 199 2.92 -30.37 -40.57
CA GLU B 199 2.15 -30.86 -41.71
C GLU B 199 3.01 -31.78 -42.61
N GLY B 200 2.56 -33.02 -42.77
CA GLY B 200 3.29 -34.02 -43.55
C GLY B 200 2.42 -35.17 -44.04
N PHE B 234 7.68 -41.17 -37.41
CA PHE B 234 7.18 -42.44 -36.91
C PHE B 234 5.91 -42.24 -36.06
N GLU B 235 5.85 -42.98 -34.96
CA GLU B 235 4.70 -42.95 -34.04
C GLU B 235 4.59 -41.60 -33.31
N ARG B 236 5.66 -40.81 -33.39
CA ARG B 236 5.81 -39.60 -32.59
C ARG B 236 4.85 -38.55 -33.08
N VAL B 237 5.01 -38.18 -34.35
CA VAL B 237 4.24 -37.11 -34.98
C VAL B 237 2.72 -37.13 -34.74
N ASN B 238 2.04 -38.14 -35.25
CA ASN B 238 0.57 -38.22 -35.18
C ASN B 238 -0.01 -38.12 -33.79
N GLU B 239 0.57 -38.85 -32.83
CA GLU B 239 0.12 -38.78 -31.45
C GLU B 239 0.24 -37.36 -30.89
N ARG B 240 1.30 -36.64 -31.28
CA ARG B 240 1.53 -35.27 -30.81
C ARG B 240 0.63 -34.23 -31.44
N TYR B 241 0.59 -34.24 -32.78
CA TYR B 241 -0.21 -33.30 -33.54
C TYR B 241 -1.68 -33.43 -33.15
N LYS B 242 -2.19 -34.67 -33.11
CA LYS B 242 -3.54 -34.93 -32.63
C LYS B 242 -3.78 -34.20 -31.29
N PHE B 243 -2.81 -34.32 -30.38
CA PHE B 243 -2.88 -33.67 -29.08
C PHE B 243 -2.53 -32.18 -29.08
N LEU B 244 -1.51 -31.82 -29.86
CA LEU B 244 -1.02 -30.45 -29.90
C LEU B 244 -2.15 -29.49 -30.28
N SER B 245 -2.77 -29.74 -31.42
CA SER B 245 -3.91 -28.95 -31.84
C SER B 245 -5.12 -29.21 -30.94
N GLU B 246 -5.18 -30.39 -30.31
CA GLU B 246 -6.21 -30.64 -29.32
C GLU B 246 -6.03 -29.61 -28.22
N GLN B 247 -4.81 -29.53 -27.69
CA GLN B 247 -4.57 -28.66 -26.55
C GLN B 247 -4.60 -27.16 -26.88
N LYS B 248 -4.06 -26.77 -28.04
CA LYS B 248 -3.99 -25.36 -28.39
C LYS B 248 -5.37 -24.79 -28.63
N GLU B 249 -6.24 -25.64 -29.18
CA GLU B 249 -7.66 -25.32 -29.42
C GLU B 249 -8.33 -25.00 -28.09
N ASP B 250 -7.94 -25.75 -27.06
CA ASP B 250 -8.44 -25.53 -25.71
C ASP B 250 -7.89 -24.25 -25.13
N LEU B 251 -6.67 -23.93 -25.51
CA LEU B 251 -5.97 -22.76 -25.01
C LEU B 251 -6.53 -21.43 -25.52
N THR B 252 -6.75 -21.34 -26.83
CA THR B 252 -7.38 -20.15 -27.40
C THR B 252 -8.82 -20.00 -26.90
N GLU B 253 -9.37 -21.07 -26.33
CA GLU B 253 -10.72 -20.96 -25.78
C GLU B 253 -10.62 -20.21 -24.45
N ALA B 254 -9.61 -20.58 -23.66
CA ALA B 254 -9.32 -19.89 -22.41
C ALA B 254 -9.06 -18.40 -22.67
N LYS B 255 -8.09 -18.14 -23.54
CA LYS B 255 -7.72 -16.79 -23.90
C LYS B 255 -8.93 -15.94 -24.25
N ASN B 256 -9.77 -16.44 -25.16
CA ASN B 256 -10.91 -15.67 -25.67
C ASN B 256 -11.80 -15.12 -24.59
N THR B 257 -12.13 -16.02 -23.68
CA THR B 257 -13.12 -15.76 -22.66
C THR B 257 -12.55 -14.86 -21.58
N LEU B 258 -11.22 -14.73 -21.54
CA LEU B 258 -10.62 -13.81 -20.59
C LEU B 258 -10.94 -12.39 -21.00
N PHE B 259 -10.75 -12.09 -22.28
CA PHE B 259 -11.12 -10.77 -22.75
C PHE B 259 -12.60 -10.57 -22.52
N GLN B 260 -13.33 -11.68 -22.62
CA GLN B 260 -14.73 -11.65 -22.32
C GLN B 260 -14.82 -11.05 -20.94
N VAL B 261 -14.11 -11.68 -20.00
CA VAL B 261 -14.16 -11.22 -18.63
C VAL B 261 -13.77 -9.77 -18.47
N ILE B 262 -12.74 -9.34 -19.17
CA ILE B 262 -12.36 -7.94 -19.07
C ILE B 262 -13.50 -7.03 -19.49
N GLU B 263 -14.26 -7.43 -20.51
CA GLU B 263 -15.44 -6.66 -20.93
C GLU B 263 -16.38 -6.42 -19.75
N GLU B 264 -16.91 -7.52 -19.21
CA GLU B 264 -17.86 -7.49 -18.11
C GLU B 264 -17.30 -6.66 -16.99
N MET B 265 -16.04 -6.91 -16.68
CA MET B 265 -15.37 -6.13 -15.67
C MET B 265 -15.23 -4.65 -16.08
N ASP B 266 -15.06 -4.42 -17.37
CA ASP B 266 -15.07 -3.06 -17.83
C ASP B 266 -16.48 -2.50 -17.77
N GLU B 267 -17.48 -3.36 -17.95
CA GLU B 267 -18.86 -2.91 -17.75
C GLU B 267 -19.06 -2.52 -16.30
N GLU B 268 -18.58 -3.34 -15.37
CA GLU B 268 -18.71 -2.97 -13.95
C GLU B 268 -17.86 -1.78 -13.63
N MET B 269 -16.64 -1.74 -14.14
CA MET B 269 -15.77 -0.59 -13.92
C MET B 269 -16.45 0.74 -14.27
N THR B 270 -17.14 0.79 -15.40
CA THR B 270 -17.82 2.00 -15.81
C THR B 270 -19.13 2.15 -15.06
N LYS B 271 -19.85 1.04 -14.93
CA LYS B 271 -21.01 0.97 -14.08
C LYS B 271 -20.58 1.55 -12.75
N ARG B 272 -19.47 1.04 -12.23
CA ARG B 272 -18.87 1.59 -11.01
C ARG B 272 -18.55 3.07 -11.15
N PHE B 273 -18.11 3.47 -12.34
CA PHE B 273 -17.59 4.81 -12.45
C PHE B 273 -18.73 5.78 -12.32
N ASN B 274 -19.66 5.73 -13.27
CA ASN B 274 -20.71 6.73 -13.29
C ASN B 274 -21.80 6.57 -12.22
N ASP B 275 -21.99 5.39 -11.68
CA ASP B 275 -22.82 5.27 -10.49
C ASP B 275 -22.32 6.27 -9.45
N THR B 276 -20.99 6.34 -9.34
CA THR B 276 -20.36 7.28 -8.45
C THR B 276 -20.41 8.64 -9.12
N PHE B 277 -20.13 8.71 -10.42
CA PHE B 277 -20.12 9.98 -11.09
C PHE B 277 -21.47 10.73 -10.95
N VAL B 278 -22.56 9.98 -10.97
CA VAL B 278 -23.91 10.56 -10.79
C VAL B 278 -24.09 11.16 -9.40
N GLN B 279 -23.58 10.48 -8.38
CA GLN B 279 -23.67 10.96 -7.01
C GLN B 279 -22.90 12.27 -6.85
N ILE B 280 -21.75 12.35 -7.50
CA ILE B 280 -20.89 13.51 -7.34
C ILE B 280 -21.54 14.65 -8.09
N ARG B 281 -22.35 14.34 -9.08
CA ARG B 281 -23.11 15.38 -9.79
C ARG B 281 -24.19 15.99 -8.90
N SER B 282 -24.99 15.15 -8.26
CA SER B 282 -26.04 15.59 -7.35
C SER B 282 -25.48 16.56 -6.32
N HIS B 283 -24.46 16.13 -5.61
CA HIS B 283 -23.94 16.97 -4.55
C HIS B 283 -23.27 18.21 -5.08
N PHE B 284 -22.74 18.16 -6.29
CA PHE B 284 -22.08 19.31 -6.86
C PHE B 284 -23.09 20.46 -7.00
N ASP B 285 -24.26 20.19 -7.57
CA ASP B 285 -25.34 21.17 -7.72
C ASP B 285 -25.99 21.59 -6.37
N GLN B 286 -26.27 20.61 -5.52
CA GLN B 286 -26.82 20.83 -4.18
C GLN B 286 -25.92 21.64 -3.27
N VAL B 287 -24.61 21.42 -3.38
CA VAL B 287 -23.61 22.15 -2.58
C VAL B 287 -23.32 23.55 -3.17
N PHE B 288 -23.35 23.64 -4.50
CA PHE B 288 -23.22 24.91 -5.21
C PHE B 288 -24.23 25.93 -4.69
N ARG B 289 -25.51 25.56 -4.71
CA ARG B 289 -26.54 26.42 -4.13
C ARG B 289 -26.28 26.76 -2.66
N SER B 290 -25.94 25.77 -1.84
CA SER B 290 -25.74 26.01 -0.40
C SER B 290 -24.65 27.06 -0.15
N LEU B 291 -23.92 27.40 -1.20
CA LEU B 291 -22.84 28.35 -1.12
C LEU B 291 -23.19 29.64 -1.87
N PHE B 292 -23.51 29.52 -3.16
CA PHE B 292 -23.96 30.67 -3.96
C PHE B 292 -25.35 31.13 -3.65
N GLY B 293 -26.25 30.18 -3.46
CA GLY B 293 -27.62 30.47 -3.12
C GLY B 293 -28.40 31.27 -4.15
N GLY B 294 -28.49 30.78 -5.38
CA GLY B 294 -27.93 29.53 -5.83
C GLY B 294 -27.76 29.68 -7.32
N GLY B 295 -27.45 28.61 -8.01
CA GLY B 295 -27.38 28.67 -9.44
C GLY B 295 -27.42 27.22 -9.79
N ARG B 296 -27.11 26.89 -11.02
CA ARG B 296 -26.99 25.49 -11.38
C ARG B 296 -25.51 25.19 -11.49
N ALA B 297 -25.16 23.95 -11.18
CA ALA B 297 -23.81 23.45 -11.39
C ALA B 297 -23.85 22.01 -11.91
N GLU B 298 -23.21 21.79 -13.06
CA GLU B 298 -23.10 20.45 -13.59
C GLU B 298 -21.67 20.15 -13.99
N LEU B 299 -21.35 18.87 -14.05
CA LEU B 299 -20.10 18.38 -14.59
C LEU B 299 -20.40 17.59 -15.84
N ARG B 300 -19.99 18.11 -16.99
CA ARG B 300 -20.25 17.45 -18.25
C ARG B 300 -19.29 16.28 -18.51
N LEU B 301 -19.53 15.60 -19.62
CA LEU B 301 -18.64 14.55 -20.04
C LEU B 301 -18.35 14.66 -21.52
N THR B 302 -17.11 15.00 -21.85
CA THR B 302 -16.69 15.02 -23.25
C THR B 302 -16.60 13.58 -23.66
N ASP B 303 -17.12 13.23 -24.85
CA ASP B 303 -17.20 11.81 -25.21
C ASP B 303 -17.97 11.04 -24.13
N PRO B 304 -19.31 11.18 -24.11
CA PRO B 304 -20.15 10.50 -23.10
C PRO B 304 -19.83 9.00 -22.96
N ASN B 305 -19.71 8.33 -24.09
CA ASN B 305 -19.19 6.96 -24.14
C ASN B 305 -17.67 7.02 -24.16
N ASP B 306 -17.01 5.92 -24.45
CA ASP B 306 -15.55 5.88 -24.33
C ASP B 306 -15.16 6.42 -22.96
N LEU B 307 -16.02 6.13 -22.01
CA LEU B 307 -15.98 6.68 -20.68
C LEU B 307 -14.59 6.56 -20.08
N LEU B 308 -14.02 5.35 -20.07
CA LEU B 308 -12.77 5.07 -19.36
C LEU B 308 -11.68 6.08 -19.69
N HIS B 309 -11.55 6.41 -20.97
CA HIS B 309 -10.70 7.53 -21.37
C HIS B 309 -11.39 8.87 -21.72
N SER B 310 -12.69 8.98 -21.44
CA SER B 310 -13.40 10.25 -21.73
C SER B 310 -12.96 11.39 -20.78
N GLY B 311 -13.43 12.61 -20.98
CA GLY B 311 -13.08 13.71 -20.10
C GLY B 311 -14.22 14.28 -19.25
N VAL B 312 -13.92 15.23 -18.35
CA VAL B 312 -14.98 15.91 -17.59
C VAL B 312 -14.81 17.43 -17.52
N GLU B 313 -15.78 18.11 -18.14
CA GLU B 313 -15.92 19.56 -18.10
C GLU B 313 -16.56 19.95 -16.79
N ILE B 314 -16.32 21.17 -16.32
CA ILE B 314 -17.05 21.69 -15.17
C ILE B 314 -17.73 23.03 -15.49
N ILE B 315 -19.06 23.01 -15.56
CA ILE B 315 -19.80 24.24 -15.88
C ILE B 315 -20.62 24.71 -14.68
N ALA B 316 -20.63 26.03 -14.48
CA ALA B 316 -21.34 26.58 -13.36
C ALA B 316 -21.97 27.91 -13.73
N GLN B 317 -23.22 28.10 -13.34
CA GLN B 317 -23.78 29.45 -13.35
C GLN B 317 -24.08 29.93 -11.95
N PRO B 318 -23.25 30.84 -11.45
CA PRO B 318 -23.54 31.46 -10.17
C PRO B 318 -24.76 32.31 -10.41
N PRO B 319 -25.50 32.68 -9.36
CA PRO B 319 -26.69 33.54 -9.49
C PRO B 319 -26.37 34.81 -10.29
N GLY B 320 -27.37 35.42 -10.92
CA GLY B 320 -27.07 36.33 -12.01
C GLY B 320 -26.70 35.59 -13.27
N LYS B 321 -25.44 35.75 -13.71
CA LYS B 321 -24.99 35.33 -15.03
C LYS B 321 -25.45 33.93 -15.40
N LYS B 322 -25.86 33.77 -16.65
CA LYS B 322 -26.53 32.55 -17.09
C LYS B 322 -25.56 31.36 -17.10
N LEU B 323 -26.09 30.18 -17.47
CA LEU B 323 -25.29 28.96 -17.42
C LEU B 323 -24.22 29.09 -18.47
N GLN B 324 -22.99 29.06 -18.03
CA GLN B 324 -21.92 29.33 -18.96
C GLN B 324 -20.63 28.78 -18.44
N ASN B 325 -19.55 29.12 -19.15
CA ASN B 325 -18.30 28.44 -18.92
C ASN B 325 -17.50 29.07 -17.80
N LEU B 326 -16.83 28.21 -17.06
CA LEU B 326 -16.00 28.62 -15.94
C LEU B 326 -14.94 29.57 -16.48
N ASN B 327 -14.46 30.50 -15.66
CA ASN B 327 -13.29 31.27 -16.07
C ASN B 327 -13.47 32.12 -17.32
N LEU B 328 -13.86 33.38 -17.12
CA LEU B 328 -14.84 34.20 -17.87
C LEU B 328 -16.12 34.20 -17.03
N LEU B 329 -16.11 33.34 -16.02
CA LEU B 329 -16.84 33.57 -14.79
C LEU B 329 -15.97 34.48 -13.92
N SER B 330 -14.69 34.12 -13.85
CA SER B 330 -13.70 34.78 -13.00
C SER B 330 -14.15 34.87 -11.53
N GLY B 331 -13.79 35.97 -10.87
CA GLY B 331 -14.08 36.14 -9.46
C GLY B 331 -13.54 35.08 -8.49
N GLY B 332 -14.06 35.15 -7.27
CA GLY B 332 -13.97 34.04 -6.33
C GLY B 332 -15.26 33.25 -6.45
N GLU B 333 -15.93 33.41 -7.60
CA GLU B 333 -16.95 32.47 -8.03
C GLU B 333 -16.27 31.19 -8.46
N ARG B 334 -15.35 31.33 -9.44
CA ARG B 334 -14.56 30.23 -9.99
C ARG B 334 -13.84 29.56 -8.84
N ALA B 335 -13.49 30.34 -7.83
CA ALA B 335 -13.09 29.76 -6.57
C ALA B 335 -14.20 28.90 -6.00
N LEU B 336 -15.26 29.54 -5.52
CA LEU B 336 -16.30 28.88 -4.74
C LEU B 336 -16.76 27.56 -5.36
N THR B 337 -16.92 27.56 -6.68
CA THR B 337 -17.48 26.38 -7.35
C THR B 337 -16.69 25.14 -6.99
N ALA B 338 -15.38 25.31 -6.86
CA ALA B 338 -14.45 24.22 -6.58
C ALA B 338 -14.52 23.77 -5.12
N ILE B 339 -14.63 24.73 -4.21
CA ILE B 339 -14.91 24.42 -2.82
C ILE B 339 -16.19 23.61 -2.75
N ALA B 340 -17.18 24.00 -3.57
CA ALA B 340 -18.46 23.31 -3.67
C ALA B 340 -18.26 21.89 -4.18
N LEU B 341 -17.50 21.78 -5.26
CA LEU B 341 -17.09 20.52 -5.85
C LEU B 341 -16.41 19.63 -4.85
N LEU B 342 -15.56 20.23 -4.02
CA LEU B 342 -14.77 19.42 -3.14
C LEU B 342 -15.55 18.85 -1.95
N PHE B 343 -16.40 19.66 -1.33
CA PHE B 343 -17.31 19.16 -0.28
C PHE B 343 -18.05 17.92 -0.79
N SER B 344 -18.37 17.92 -2.08
CA SER B 344 -19.20 16.89 -2.70
C SER B 344 -18.43 15.61 -3.07
N ILE B 345 -17.21 15.76 -3.59
CA ILE B 345 -16.36 14.58 -3.80
C ILE B 345 -16.07 13.95 -2.45
N LEU B 346 -16.02 14.79 -1.43
CA LEU B 346 -15.79 14.36 -0.06
C LEU B 346 -16.95 13.54 0.45
N LYS B 347 -18.09 13.65 -0.22
CA LYS B 347 -19.27 12.91 0.21
C LYS B 347 -19.20 11.43 -0.21
N VAL B 348 -18.63 11.18 -1.39
CA VAL B 348 -18.57 9.83 -1.94
C VAL B 348 -17.40 8.95 -1.41
N ARG B 349 -16.24 9.57 -1.18
CA ARG B 349 -15.10 8.91 -0.55
C ARG B 349 -14.48 9.84 0.49
N PRO B 350 -15.11 9.92 1.67
CA PRO B 350 -14.68 10.86 2.72
C PRO B 350 -13.35 10.45 3.36
N VAL B 351 -12.70 11.37 4.07
CA VAL B 351 -11.44 11.10 4.76
C VAL B 351 -11.40 11.85 6.10
N PRO B 352 -10.80 11.24 7.16
CA PRO B 352 -10.89 11.94 8.45
C PRO B 352 -9.74 12.90 8.72
N PHE B 353 -9.30 13.58 7.68
CA PHE B 353 -8.29 14.61 7.79
C PHE B 353 -8.58 15.64 6.75
N CYS B 354 -8.92 16.85 7.13
CA CYS B 354 -8.90 17.85 6.08
C CYS B 354 -8.34 19.16 6.51
N VAL B 355 -7.37 19.62 5.73
CA VAL B 355 -6.78 20.91 5.94
C VAL B 355 -7.07 21.79 4.75
N LEU B 356 -7.17 23.07 5.01
CA LEU B 356 -7.50 24.04 3.98
C LEU B 356 -6.55 25.24 4.15
N ASP B 357 -5.74 25.54 3.13
CA ASP B 357 -4.72 26.58 3.25
C ASP B 357 -5.20 27.88 2.57
N GLU B 358 -5.64 28.84 3.39
CA GLU B 358 -6.11 30.14 2.92
C GLU B 358 -6.99 30.06 1.67
N VAL B 359 -7.96 29.15 1.67
CA VAL B 359 -8.80 28.87 0.49
C VAL B 359 -9.95 29.87 0.21
N GLU B 360 -10.48 30.49 1.26
CA GLU B 360 -11.65 31.37 1.12
C GLU B 360 -11.33 32.84 0.84
N ALA B 361 -10.06 33.13 0.59
CA ALA B 361 -9.64 34.52 0.40
C ALA B 361 -10.25 35.29 -0.80
N ALA B 362 -10.94 34.61 -1.72
CA ALA B 362 -11.67 35.27 -2.81
C ALA B 362 -13.19 35.42 -2.61
N LEU B 363 -13.70 34.89 -1.50
CA LEU B 363 -15.14 34.85 -1.25
C LEU B 363 -15.60 36.11 -0.55
N ASP B 364 -16.81 36.55 -0.82
CA ASP B 364 -17.29 37.75 -0.16
C ASP B 364 -18.22 37.36 0.98
N GLU B 365 -17.71 37.45 2.21
CA GLU B 365 -18.56 37.46 3.43
C GLU B 365 -19.58 36.33 3.61
N ALA B 366 -20.86 36.64 3.40
CA ALA B 366 -21.91 35.61 3.42
C ALA B 366 -21.49 34.34 2.64
N ASN B 367 -20.81 34.54 1.51
CA ASN B 367 -20.03 33.48 0.90
C ASN B 367 -19.12 32.90 1.97
N VAL B 368 -18.13 33.69 2.39
CA VAL B 368 -17.16 33.27 3.41
C VAL B 368 -17.92 32.64 4.59
N PHE B 369 -19.05 33.24 4.93
CA PHE B 369 -19.94 32.67 5.93
C PHE B 369 -20.36 31.25 5.52
N ARG B 370 -21.18 31.14 4.49
CA ARG B 370 -21.76 29.84 4.07
C ARG B 370 -20.71 28.74 3.92
N PHE B 371 -19.55 29.11 3.43
CA PHE B 371 -18.44 28.18 3.34
C PHE B 371 -18.05 27.79 4.75
N ALA B 372 -17.74 28.81 5.55
CA ALA B 372 -17.34 28.59 6.94
C ALA B 372 -18.47 27.87 7.65
N GLN B 373 -19.69 28.23 7.30
CA GLN B 373 -20.85 27.51 7.79
C GLN B 373 -20.66 26.03 7.52
N TYR B 374 -20.39 25.69 6.25
CA TYR B 374 -20.30 24.30 5.85
C TYR B 374 -19.34 23.51 6.72
N LEU B 375 -18.21 24.12 7.05
CA LEU B 375 -17.30 23.46 7.94
C LEU B 375 -17.85 23.46 9.36
N LYS B 376 -18.61 24.49 9.72
CA LYS B 376 -19.15 24.55 11.08
C LYS B 376 -19.97 23.28 11.25
N LYS B 377 -20.73 22.96 10.20
CA LYS B 377 -21.56 21.77 10.14
C LYS B 377 -20.72 20.55 9.82
N TYR B 378 -19.61 20.75 9.14
CA TYR B 378 -18.79 19.59 8.89
C TYR B 378 -17.84 19.52 10.09
N SER B 379 -18.22 18.69 11.04
CA SER B 379 -17.47 18.60 12.27
C SER B 379 -17.35 17.14 12.63
N SER B 380 -18.50 16.56 12.98
CA SER B 380 -18.60 15.18 13.44
C SER B 380 -18.18 14.21 12.35
N ASP B 381 -17.97 14.76 11.16
CA ASP B 381 -17.56 13.97 10.02
C ASP B 381 -16.07 13.71 10.11
N THR B 382 -15.28 14.75 9.84
CA THR B 382 -13.83 14.61 9.78
C THR B 382 -13.18 15.72 10.62
N GLN B 383 -11.89 15.61 10.90
CA GLN B 383 -11.21 16.68 11.63
C GLN B 383 -10.77 17.79 10.66
N PHE B 384 -11.18 19.03 10.95
CA PHE B 384 -10.90 20.13 10.04
C PHE B 384 -9.95 21.14 10.63
N ILE B 385 -8.84 21.33 9.94
CA ILE B 385 -7.91 22.37 10.32
C ILE B 385 -7.79 23.31 9.15
N VAL B 386 -8.32 24.52 9.31
CA VAL B 386 -8.24 25.46 8.22
C VAL B 386 -7.39 26.64 8.66
N ILE B 387 -6.57 27.15 7.75
CA ILE B 387 -5.74 28.30 8.06
C ILE B 387 -6.15 29.51 7.22
N THR B 388 -6.54 30.61 7.89
CA THR B 388 -6.90 31.88 7.22
C THR B 388 -6.88 33.18 8.04
N HIS B 389 -6.87 34.31 7.32
CA HIS B 389 -6.98 35.64 7.94
C HIS B 389 -8.43 36.11 7.97
N ARG B 390 -9.33 35.25 7.49
CA ARG B 390 -10.73 35.60 7.26
C ARG B 390 -11.59 35.63 8.51
N LYS B 391 -12.56 36.56 8.49
CA LYS B 391 -13.39 36.83 9.66
C LYS B 391 -14.54 35.83 9.83
N GLY B 392 -15.18 35.48 8.73
CA GLY B 392 -16.29 34.55 8.74
C GLY B 392 -15.94 33.29 9.50
N THR B 393 -14.79 32.72 9.17
CA THR B 393 -14.36 31.49 9.80
C THR B 393 -13.86 31.72 11.23
N MET B 394 -13.03 32.76 11.41
CA MET B 394 -12.34 33.04 12.69
C MET B 394 -13.24 33.00 13.94
N GLU B 395 -14.38 33.69 13.89
CA GLU B 395 -15.34 33.65 15.01
C GLU B 395 -16.25 32.42 14.94
N GLU B 396 -16.46 31.92 13.73
CA GLU B 396 -17.22 30.69 13.54
C GLU B 396 -16.29 29.54 13.80
N ALA B 397 -15.04 29.86 14.11
CA ALA B 397 -14.06 28.83 14.39
C ALA B 397 -14.33 28.20 15.74
N ASP B 398 -13.50 27.22 16.04
CA ASP B 398 -13.50 26.66 17.36
C ASP B 398 -12.28 27.20 18.12
N VAL B 399 -11.10 26.78 17.70
CA VAL B 399 -9.87 27.19 18.39
C VAL B 399 -8.80 27.79 17.48
N LEU B 400 -8.38 29.01 17.83
CA LEU B 400 -7.40 29.77 17.06
C LEU B 400 -6.00 29.80 17.71
N TYR B 401 -4.99 29.78 16.85
CA TYR B 401 -3.61 29.94 17.26
C TYR B 401 -3.04 31.05 16.39
N GLY B 402 -2.47 32.06 17.01
CA GLY B 402 -1.88 33.15 16.25
C GLY B 402 -0.47 32.84 15.83
N VAL B 403 -0.11 33.24 14.62
CA VAL B 403 1.24 33.00 14.10
C VAL B 403 1.79 34.28 13.47
N THR B 404 2.93 34.75 14.00
CA THR B 404 3.46 36.08 13.67
C THR B 404 4.98 36.11 13.42
N MET B 405 5.39 36.61 12.25
CA MET B 405 6.82 36.68 11.90
C MET B 405 7.50 37.91 12.50
N VAL B 410 11.44 34.68 11.93
CA VAL B 410 11.10 33.73 12.98
C VAL B 410 9.62 33.87 13.34
N SER B 411 8.97 32.77 13.70
CA SER B 411 7.54 32.81 14.01
C SER B 411 7.17 32.18 15.35
N LYS B 412 6.03 32.60 15.90
CA LYS B 412 5.57 32.14 17.21
C LYS B 412 4.06 31.88 17.23
N VAL B 413 3.65 30.91 18.04
CA VAL B 413 2.23 30.58 18.11
C VAL B 413 1.69 30.00 19.40
N ILE B 414 0.47 30.46 19.68
CA ILE B 414 -0.39 29.94 20.73
C ILE B 414 -1.71 30.64 20.47
N SER B 415 -2.66 30.43 21.37
CA SER B 415 -4.00 30.99 21.24
C SER B 415 -4.09 32.53 21.16
N THR C 10 -23.12 -17.06 -23.08
CA THR C 10 -22.24 -16.38 -22.12
C THR C 10 -23.03 -15.81 -20.94
N PHE C 11 -22.85 -16.43 -19.78
CA PHE C 11 -23.52 -15.99 -18.55
C PHE C 11 -22.88 -16.47 -17.25
N GLU C 12 -23.65 -16.31 -16.17
CA GLU C 12 -23.14 -16.21 -14.81
C GLU C 12 -22.22 -15.00 -14.67
N GLY C 13 -21.15 -15.14 -13.89
CA GLY C 13 -20.38 -13.99 -13.44
C GLY C 13 -19.04 -13.80 -14.10
N PRO C 14 -18.43 -12.62 -13.89
CA PRO C 14 -17.02 -12.58 -14.29
C PRO C 14 -16.24 -13.51 -13.38
N LEU C 15 -16.63 -13.60 -12.11
CA LEU C 15 -15.81 -14.24 -11.07
C LEU C 15 -15.80 -15.78 -11.10
N ASP C 16 -16.98 -16.35 -10.92
CA ASP C 16 -17.11 -17.80 -10.91
C ASP C 16 -16.62 -18.39 -12.24
N LEU C 17 -16.79 -17.64 -13.32
CA LEU C 17 -16.32 -18.15 -14.61
C LEU C 17 -14.80 -18.20 -14.64
N LEU C 18 -14.12 -17.23 -14.02
CA LEU C 18 -12.68 -17.38 -13.87
C LEU C 18 -12.33 -18.31 -12.70
N LEU C 19 -13.32 -18.70 -11.93
CA LEU C 19 -13.11 -19.81 -11.02
C LEU C 19 -13.17 -21.16 -11.73
N HIS C 20 -14.16 -21.36 -12.61
CA HIS C 20 -14.24 -22.58 -13.41
C HIS C 20 -12.89 -22.69 -14.07
N LEU C 21 -12.46 -21.56 -14.61
CA LEU C 21 -11.20 -21.44 -15.30
C LEU C 21 -10.00 -21.75 -14.43
N ILE C 22 -9.70 -20.87 -13.47
CA ILE C 22 -8.47 -20.96 -12.68
C ILE C 22 -8.28 -22.36 -12.15
N ASN C 23 -9.37 -22.94 -11.65
CA ASN C 23 -9.38 -24.32 -11.21
C ASN C 23 -8.92 -25.27 -12.31
N ARG C 24 -9.46 -25.07 -13.52
CA ARG C 24 -9.13 -25.94 -14.66
C ARG C 24 -7.65 -25.87 -15.09
N LEU C 25 -7.01 -24.74 -14.79
CA LEU C 25 -5.62 -24.50 -15.16
C LEU C 25 -4.66 -25.20 -14.20
N GLU C 26 -4.93 -25.02 -12.91
CA GLU C 26 -4.13 -25.57 -11.81
C GLU C 26 -3.94 -27.04 -12.02
N ILE C 27 -5.05 -27.70 -12.26
CA ILE C 27 -5.09 -29.12 -12.53
C ILE C 27 -4.27 -29.46 -13.77
N ASP C 28 -4.41 -28.65 -14.81
CA ASP C 28 -3.71 -28.91 -16.07
C ASP C 28 -2.18 -28.71 -15.98
N ILE C 29 -1.72 -28.03 -14.93
CA ILE C 29 -0.28 -27.75 -14.75
C ILE C 29 0.39 -28.68 -13.71
N TYR C 30 -0.10 -28.60 -12.49
CA TYR C 30 0.42 -29.32 -11.32
C TYR C 30 -0.26 -30.69 -11.13
N ASP C 31 -1.59 -30.67 -11.03
CA ASP C 31 -2.41 -31.86 -10.71
C ASP C 31 -2.57 -32.81 -11.88
N ILE C 32 -1.85 -32.54 -12.96
CA ILE C 32 -1.68 -33.50 -14.03
C ILE C 32 -1.08 -34.77 -13.41
N PRO C 33 -1.17 -35.92 -14.14
CA PRO C 33 -0.92 -37.24 -13.58
C PRO C 33 0.23 -37.26 -12.60
N VAL C 34 0.00 -38.10 -11.60
CA VAL C 34 0.21 -37.86 -10.18
C VAL C 34 -0.59 -36.59 -9.79
N ALA C 35 -0.22 -35.95 -8.72
CA ALA C 35 -0.35 -34.54 -8.61
C ALA C 35 0.95 -34.33 -7.89
N LYS C 36 1.91 -33.75 -8.60
CA LYS C 36 3.26 -33.69 -8.08
C LYS C 36 3.38 -32.37 -7.34
N ILE C 37 3.75 -32.45 -6.07
CA ILE C 37 4.09 -31.21 -5.37
C ILE C 37 5.47 -30.72 -5.81
N THR C 38 5.51 -29.48 -6.31
CA THR C 38 6.70 -28.81 -6.82
C THR C 38 6.93 -27.46 -6.08
N GLU C 39 8.18 -26.99 -6.00
CA GLU C 39 8.50 -25.72 -5.32
C GLU C 39 7.54 -24.61 -5.74
N GLN C 40 7.29 -24.50 -7.05
CA GLN C 40 6.43 -23.43 -7.59
C GLN C 40 4.96 -23.84 -7.68
N TYR C 41 4.67 -25.10 -7.36
CA TYR C 41 3.30 -25.45 -7.05
C TYR C 41 2.92 -24.93 -5.65
N LEU C 42 3.75 -25.27 -4.67
CA LEU C 42 3.55 -24.83 -3.29
C LEU C 42 3.37 -23.33 -3.25
N LEU C 43 4.28 -22.64 -3.94
CA LEU C 43 4.21 -21.20 -4.07
C LEU C 43 2.85 -20.81 -4.54
N TYR C 44 2.42 -21.46 -5.62
CA TYR C 44 1.12 -21.16 -6.20
C TYR C 44 -0.02 -21.27 -5.19
N VAL C 45 -0.01 -22.30 -4.36
CA VAL C 45 -1.08 -22.45 -3.41
C VAL C 45 -1.02 -21.40 -2.34
N HIS C 46 0.19 -21.11 -1.87
CA HIS C 46 0.37 -20.11 -0.82
C HIS C 46 -0.22 -18.77 -1.24
N THR C 47 0.27 -18.25 -2.37
CA THR C 47 -0.15 -16.96 -2.94
C THR C 47 -1.67 -16.86 -3.02
N MET C 48 -2.26 -17.96 -3.47
CA MET C 48 -3.70 -18.12 -3.55
C MET C 48 -4.37 -18.26 -2.17
N ARG C 49 -3.82 -19.13 -1.33
CA ARG C 49 -4.46 -19.49 -0.04
C ARG C 49 -4.35 -18.37 1.01
N VAL C 50 -3.33 -17.52 0.85
CA VAL C 50 -3.18 -16.34 1.69
C VAL C 50 -4.16 -15.25 1.28
N LEU C 51 -4.34 -15.09 -0.03
CA LEU C 51 -5.29 -14.14 -0.57
C LEU C 51 -6.65 -14.28 0.12
N GLU C 52 -7.26 -15.46 -0.03
CA GLU C 52 -8.59 -15.74 0.52
C GLU C 52 -8.72 -15.31 1.99
N LEU C 53 -7.66 -15.53 2.76
CA LEU C 53 -7.60 -15.08 4.14
C LEU C 53 -7.70 -13.57 4.16
N ASP C 54 -6.94 -12.92 3.29
CA ASP C 54 -6.93 -11.46 3.26
C ASP C 54 -8.27 -10.87 2.83
N ILE C 55 -8.84 -11.39 1.74
CA ILE C 55 -10.21 -11.05 1.33
C ILE C 55 -11.19 -11.24 2.48
N ALA C 56 -11.12 -12.41 3.12
CA ALA C 56 -11.97 -12.68 4.26
C ALA C 56 -11.77 -11.64 5.34
N SER C 57 -10.51 -11.26 5.58
CA SER C 57 -10.24 -10.27 6.61
C SER C 57 -10.77 -8.88 6.25
N GLU C 58 -11.00 -8.65 4.96
CA GLU C 58 -11.58 -7.37 4.48
C GLU C 58 -13.08 -7.27 4.75
N TYR C 59 -13.78 -8.37 4.48
CA TYR C 59 -15.18 -8.56 4.85
C TYR C 59 -15.34 -8.68 6.36
N LEU C 60 -14.26 -9.07 7.04
CA LEU C 60 -14.23 -9.13 8.51
C LEU C 60 -14.31 -7.72 9.12
N VAL C 61 -13.46 -6.83 8.65
CA VAL C 61 -13.52 -5.44 9.08
C VAL C 61 -14.90 -4.81 8.79
N MET C 62 -15.42 -5.03 7.59
CA MET C 62 -16.71 -4.43 7.19
C MET C 62 -17.87 -4.99 7.99
N ALA C 63 -17.74 -6.23 8.44
CA ALA C 63 -18.76 -6.89 9.21
C ALA C 63 -18.87 -6.24 10.59
N ALA C 64 -17.72 -6.16 11.27
CA ALA C 64 -17.67 -5.58 12.59
C ALA C 64 -18.18 -4.14 12.55
N THR C 65 -17.89 -3.48 11.44
CA THR C 65 -18.26 -2.08 11.19
C THR C 65 -19.74 -1.78 11.27
N LEU C 66 -20.50 -2.52 10.46
CA LEU C 66 -21.94 -2.40 10.41
C LEU C 66 -22.48 -2.72 11.80
N LEU C 67 -21.83 -3.65 12.50
CA LEU C 67 -22.29 -3.99 13.83
C LEU C 67 -22.24 -2.78 14.75
N SER C 68 -21.10 -2.08 14.78
CA SER C 68 -20.97 -0.91 15.64
C SER C 68 -21.98 0.13 15.22
N ILE C 69 -22.15 0.24 13.90
CA ILE C 69 -23.17 1.11 13.33
C ILE C 69 -24.57 0.74 13.80
N LYS C 70 -24.95 -0.52 13.60
CA LYS C 70 -26.27 -0.99 14.04
C LYS C 70 -26.34 -0.99 15.55
N SER C 71 -25.23 -1.30 16.22
CA SER C 71 -25.23 -1.22 17.67
C SER C 71 -25.60 0.22 18.03
N ARG C 72 -25.14 1.17 17.22
CA ARG C 72 -25.29 2.59 17.54
C ARG C 72 -26.66 3.20 17.30
N MET C 73 -27.37 2.75 16.26
CA MET C 73 -28.71 3.29 15.94
C MET C 73 -29.64 3.10 17.14
N LEU C 74 -29.39 2.01 17.86
CA LEU C 74 -30.01 1.74 19.15
C LEU C 74 -29.41 2.77 20.12
N LEU C 75 -30.26 3.40 20.93
CA LEU C 75 -29.95 4.62 21.68
C LEU C 75 -30.07 5.89 20.80
N PRO C 76 -30.38 7.06 21.43
CA PRO C 76 -30.70 8.35 20.79
C PRO C 76 -30.16 8.59 19.38
N THR D 10 -22.31 -25.74 14.46
CA THR D 10 -21.45 -24.77 13.81
C THR D 10 -20.71 -25.37 12.62
N PHE D 11 -21.10 -24.94 11.42
CA PHE D 11 -20.47 -25.42 10.19
C PHE D 11 -20.68 -24.52 8.97
N GLU D 12 -20.36 -25.08 7.81
CA GLU D 12 -19.99 -24.35 6.59
C GLU D 12 -18.73 -23.51 6.85
N GLY D 13 -18.69 -22.31 6.26
CA GLY D 13 -17.45 -21.56 6.17
C GLY D 13 -17.32 -20.38 7.10
N PRO D 14 -16.10 -19.83 7.21
CA PRO D 14 -16.08 -18.52 7.87
C PRO D 14 -16.80 -17.53 6.97
N LEU D 15 -16.66 -17.69 5.66
CA LEU D 15 -17.05 -16.66 4.71
C LEU D 15 -18.55 -16.55 4.49
N ASP D 16 -19.14 -17.62 3.99
CA ASP D 16 -20.58 -17.62 3.70
C ASP D 16 -21.38 -17.34 4.97
N LEU D 17 -20.86 -17.75 6.12
CA LEU D 17 -21.57 -17.48 7.35
C LEU D 17 -21.56 -15.99 7.67
N LEU D 18 -20.47 -15.30 7.36
CA LEU D 18 -20.52 -13.85 7.46
C LEU D 18 -21.21 -13.19 6.25
N LEU D 19 -21.51 -14.01 5.25
CA LEU D 19 -22.42 -13.55 4.22
C LEU D 19 -23.87 -13.65 4.64
N HIS D 20 -24.27 -14.76 5.28
CA HIS D 20 -25.63 -14.90 5.82
C HIS D 20 -25.80 -13.66 6.69
N LEU D 21 -24.76 -13.43 7.49
CA LEU D 21 -24.71 -12.32 8.42
C LEU D 21 -24.81 -10.96 7.77
N ILE D 22 -23.76 -10.56 7.06
CA ILE D 22 -23.67 -9.20 6.50
C ILE D 22 -24.93 -8.83 5.76
N ASN D 23 -25.45 -9.79 5.00
CA ASN D 23 -26.71 -9.63 4.33
C ASN D 23 -27.81 -9.30 5.31
N ARG D 24 -27.88 -10.06 6.41
CA ARG D 24 -28.93 -9.86 7.42
C ARG D 24 -28.87 -8.49 8.13
N LEU D 25 -27.69 -7.89 8.16
CA LEU D 25 -27.45 -6.61 8.80
C LEU D 25 -27.92 -5.44 7.94
N GLU D 26 -27.51 -5.49 6.67
CA GLU D 26 -27.81 -4.47 5.68
C GLU D 26 -29.30 -4.21 5.66
N ILE D 27 -30.04 -5.31 5.59
CA ILE D 27 -31.48 -5.28 5.58
C ILE D 27 -32.01 -4.68 6.89
N ASP D 28 -31.42 -5.05 8.01
CA ASP D 28 -31.88 -4.57 9.29
C ASP D 28 -31.61 -3.07 9.52
N ILE D 29 -30.73 -2.47 8.71
CA ILE D 29 -30.36 -1.06 8.87
C ILE D 29 -31.05 -0.16 7.84
N TYR D 30 -30.77 -0.43 6.57
CA TYR D 30 -31.25 0.35 5.43
C TYR D 30 -32.57 -0.17 4.87
N ASP D 31 -32.60 -1.45 4.52
CA ASP D 31 -33.73 -2.12 3.85
C ASP D 31 -34.90 -2.41 4.78
N ILE D 32 -34.80 -1.90 6.00
CA ILE D 32 -35.93 -1.86 6.91
C ILE D 32 -37.04 -1.08 6.22
N PRO D 33 -38.30 -1.20 6.71
CA PRO D 33 -39.48 -0.75 5.98
C PRO D 33 -39.29 0.55 5.25
N VAL D 34 -39.95 0.57 4.09
CA VAL D 34 -39.43 1.00 2.79
C VAL D 34 -38.14 0.19 2.48
N ALA D 35 -37.28 0.69 1.63
CA ALA D 35 -35.87 0.48 1.76
C ALA D 35 -35.48 1.88 1.35
N LYS D 36 -35.02 2.65 2.32
CA LYS D 36 -34.82 4.05 2.06
C LYS D 36 -33.39 4.22 1.60
N ILE D 37 -33.21 4.81 0.43
CA ILE D 37 -31.86 5.17 0.03
C ILE D 37 -31.40 6.43 0.79
N THR D 38 -30.26 6.28 1.49
CA THR D 38 -29.65 7.32 2.33
C THR D 38 -28.18 7.56 1.90
N GLU D 39 -27.66 8.77 2.13
CA GLU D 39 -26.27 9.10 1.74
C GLU D 39 -25.28 8.00 2.17
N GLN D 40 -25.43 7.51 3.40
CA GLN D 40 -24.53 6.49 3.95
C GLN D 40 -25.00 5.06 3.68
N TYR D 41 -26.20 4.95 3.11
CA TYR D 41 -26.55 3.69 2.48
C TYR D 41 -25.81 3.52 1.16
N LEU D 42 -25.92 4.53 0.30
CA LEU D 42 -25.23 4.54 -0.99
C LEU D 42 -23.76 4.26 -0.81
N LEU D 43 -23.17 4.98 0.15
CA LEU D 43 -21.79 4.77 0.53
C LEU D 43 -21.54 3.32 0.79
N TYR D 44 -22.37 2.75 1.65
CA TYR D 44 -22.23 1.36 2.02
C TYR D 44 -22.20 0.43 0.79
N VAL D 45 -23.06 0.67 -0.18
CA VAL D 45 -23.10 -0.22 -1.33
C VAL D 45 -21.89 -0.05 -2.19
N HIS D 46 -21.46 1.20 -2.35
CA HIS D 46 -20.27 1.48 -3.15
C HIS D 46 -19.04 0.73 -2.63
N THR D 47 -18.74 0.97 -1.35
CA THR D 47 -17.60 0.39 -0.67
C THR D 47 -17.57 -1.11 -0.87
N MET D 48 -18.76 -1.70 -0.74
CA MET D 48 -18.99 -3.13 -0.96
C MET D 48 -18.91 -3.54 -2.43
N ARG D 49 -19.57 -2.79 -3.32
CA ARG D 49 -19.73 -3.18 -4.73
C ARG D 49 -18.44 -2.95 -5.53
N VAL D 50 -17.60 -2.03 -5.05
CA VAL D 50 -16.27 -1.82 -5.62
C VAL D 50 -15.32 -2.93 -5.22
N LEU D 51 -15.40 -3.34 -3.96
CA LEU D 51 -14.60 -4.46 -3.45
C LEU D 51 -14.67 -5.67 -4.39
N GLU D 52 -15.88 -6.21 -4.56
CA GLU D 52 -16.11 -7.40 -5.39
C GLU D 52 -15.42 -7.30 -6.76
N LEU D 53 -15.49 -6.13 -7.39
CA LEU D 53 -14.76 -5.84 -8.63
C LEU D 53 -13.27 -6.06 -8.36
N ASP D 54 -12.77 -5.52 -7.26
CA ASP D 54 -11.34 -5.59 -6.99
C ASP D 54 -10.89 -7.02 -6.74
N ILE D 55 -11.61 -7.73 -5.86
CA ILE D 55 -11.40 -9.17 -5.67
C ILE D 55 -11.43 -9.92 -7.00
N ALA D 56 -12.45 -9.66 -7.81
CA ALA D 56 -12.58 -10.27 -9.13
C ALA D 56 -11.34 -9.95 -9.94
N SER D 57 -10.87 -8.71 -9.87
CA SER D 57 -9.69 -8.31 -10.65
C SER D 57 -8.42 -9.02 -10.17
N GLU D 58 -8.43 -9.49 -8.93
CA GLU D 58 -7.30 -10.25 -8.34
C GLU D 58 -7.20 -11.67 -8.87
N TYR D 59 -8.36 -12.34 -8.92
CA TYR D 59 -8.54 -13.62 -9.59
C TYR D 59 -8.41 -13.49 -11.11
N LEU D 60 -8.62 -12.27 -11.61
CA LEU D 60 -8.39 -11.98 -13.03
C LEU D 60 -6.91 -12.06 -13.39
N VAL D 61 -6.07 -11.38 -12.62
CA VAL D 61 -4.63 -11.45 -12.83
C VAL D 61 -4.13 -12.92 -12.71
N MET D 62 -4.57 -13.62 -11.68
CA MET D 62 -4.12 -15.00 -11.44
C MET D 62 -4.58 -15.95 -12.52
N ALA D 63 -5.71 -15.63 -13.14
CA ALA D 63 -6.26 -16.46 -14.21
C ALA D 63 -5.38 -16.36 -15.44
N ALA D 64 -5.08 -15.13 -15.84
CA ALA D 64 -4.26 -14.88 -17.02
C ALA D 64 -2.88 -15.49 -16.83
N THR D 65 -2.43 -15.46 -15.58
CA THR D 65 -1.13 -15.97 -15.18
C THR D 65 -0.92 -17.44 -15.51
N LEU D 66 -1.83 -18.26 -14.98
CA LEU D 66 -1.77 -19.68 -15.17
C LEU D 66 -1.85 -19.95 -16.67
N LEU D 67 -2.60 -19.12 -17.39
CA LEU D 67 -2.70 -19.31 -18.82
C LEU D 67 -1.35 -19.18 -19.49
N SER D 68 -0.60 -18.13 -19.16
CA SER D 68 0.71 -17.95 -19.78
C SER D 68 1.61 -19.09 -19.38
N ILE D 69 1.47 -19.50 -18.13
CA ILE D 69 2.18 -20.67 -17.63
C ILE D 69 1.82 -21.92 -18.42
N LYS D 70 0.53 -22.24 -18.51
CA LYS D 70 0.11 -23.43 -19.26
C LYS D 70 0.39 -23.24 -20.74
N SER D 71 0.26 -22.00 -21.24
CA SER D 71 0.62 -21.74 -22.62
C SER D 71 2.07 -22.13 -22.79
N ARG D 72 2.87 -21.89 -21.77
CA ARG D 72 4.32 -22.10 -21.86
C ARG D 72 4.82 -23.55 -21.78
N MET D 73 4.16 -24.39 -20.99
CA MET D 73 4.59 -25.80 -20.83
C MET D 73 4.56 -26.49 -22.19
N LEU D 74 3.64 -26.04 -23.02
CA LEU D 74 3.59 -26.39 -24.43
C LEU D 74 4.79 -25.70 -25.08
N LEU D 75 5.53 -26.44 -25.92
CA LEU D 75 6.89 -26.09 -26.38
C LEU D 75 7.96 -26.48 -25.34
N PRO D 76 9.21 -26.76 -25.80
CA PRO D 76 10.35 -27.29 -25.03
C PRO D 76 10.35 -27.06 -23.51
#